data_6HNS
#
_entry.id   6HNS
#
_cell.length_a   59.057
_cell.length_b   125.611
_cell.length_c   144.725
_cell.angle_alpha   90.00
_cell.angle_beta   90.00
_cell.angle_gamma   90.00
#
_symmetry.space_group_name_H-M   'P 21 2 21'
#
loop_
_entity.id
_entity.type
_entity.pdbx_description
1 polymer 'Small molecule metabolism'
2 non-polymer 'FLAVIN-ADENINE DINUCLEOTIDE'
3 non-polymer 'NADP NICOTINAMIDE-ADENINE-DINUCLEOTIDE PHOSPHATE'
4 non-polymer 'MAGNESIUM ION'
5 water water
#
_entity_poly.entity_id   1
_entity_poly.type   'polypeptide(L)'
_entity_poly.pdbx_seq_one_letter_code
;MNTRVAIIGAGPCGLAQLRAFQSAAAKGAAIPELVCFEKQSDWGGMWNYTWRTGVDEHGEPVHGSMYRYLWSNGPKECLE
FADYTFDEHFGRPIGSYPPREVLWDYIKGRVEKAGVRDYIRFNTAVRQVSYDETSGLFSVTVQDHSNNRVYTETFDYVVN
ACGHFSTPNTPYFEGFERFGGRVLHAHDFRDALEFKDKDILVVGSSYSAEDIGSQCYKYGARSITSCYRSAPMGYQWPQN
WEEKPLLQRVDSDTAWFADGSHKRIDAIILCTGYQHHFPFLPDSLRLITENRLWPLKLYKGIFWEDNPKFLYLGMQDQWY
SFNMFDAQAWYARDVILGRISLPGKAEMQAENQAWREREEKLQTAQEMFEFQGSYIQHLIDATDYPSFDIQAVNETFLAW
KHDKYEDIMGYRNKCYRSLMTGTLATPHHTPWLDALDDSLEAYLQETPRLKSAV
;
_entity_poly.pdbx_strand_id   A,B
#
loop_
_chem_comp.id
_chem_comp.type
_chem_comp.name
_chem_comp.formula
FAD non-polymer 'FLAVIN-ADENINE DINUCLEOTIDE' 'C27 H33 N9 O15 P2'
MG non-polymer 'MAGNESIUM ION' 'Mg 2'
NAP non-polymer 'NADP NICOTINAMIDE-ADENINE-DINUCLEOTIDE PHOSPHATE' 'C21 H28 N7 O17 P3'
#
# COMPACT_ATOMS: atom_id res chain seq x y z
N ASN A 2 11.81 20.14 -5.77
CA ASN A 2 10.90 19.00 -5.96
C ASN A 2 9.59 19.56 -6.55
N THR A 3 8.46 18.97 -6.19
CA THR A 3 7.15 19.36 -6.76
C THR A 3 6.25 19.80 -5.61
N ARG A 4 5.20 20.57 -5.95
CA ARG A 4 4.31 21.23 -4.94
C ARG A 4 2.82 20.94 -5.29
N VAL A 5 2.02 20.61 -4.28
CA VAL A 5 0.61 20.28 -4.45
C VAL A 5 -0.20 21.26 -3.59
N ALA A 6 -1.13 21.98 -4.23
CA ALA A 6 -2.12 22.80 -3.53
C ALA A 6 -3.39 21.97 -3.30
N ILE A 7 -3.87 21.98 -2.04
CA ILE A 7 -5.13 21.35 -1.68
C ILE A 7 -6.10 22.42 -1.15
N ILE A 8 -7.27 22.53 -1.80
CA ILE A 8 -8.26 23.54 -1.40
C ILE A 8 -9.26 22.87 -0.45
N GLY A 9 -9.16 23.23 0.82
CA GLY A 9 -10.05 22.70 1.87
C GLY A 9 -9.44 21.63 2.77
N ALA A 10 -9.78 21.74 4.05
CA ALA A 10 -9.41 20.78 5.11
C ALA A 10 -10.66 20.11 5.70
N GLY A 11 -11.63 19.80 4.84
CA GLY A 11 -12.68 18.91 5.21
C GLY A 11 -12.24 17.46 5.01
N PRO A 12 -13.17 16.49 5.17
CA PRO A 12 -12.85 15.08 4.94
C PRO A 12 -12.02 14.81 3.68
N CYS A 13 -12.35 15.43 2.53
CA CYS A 13 -11.60 15.16 1.32
C CYS A 13 -10.17 15.72 1.41
N GLY A 14 -10.02 16.99 1.81
CA GLY A 14 -8.68 17.57 1.94
C GLY A 14 -7.80 16.80 2.93
N LEU A 15 -8.41 16.42 4.05
CA LEU A 15 -7.74 15.68 5.10
C LEU A 15 -7.40 14.30 4.58
N ALA A 16 -8.29 13.69 3.78
CA ALA A 16 -8.00 12.40 3.20
C ALA A 16 -6.78 12.52 2.30
N GLN A 17 -6.69 13.65 1.58
CA GLN A 17 -5.62 13.82 0.64
C GLN A 17 -4.28 13.95 1.39
N LEU A 18 -4.25 14.71 2.48
CA LEU A 18 -3.05 14.83 3.34
C LEU A 18 -2.68 13.45 3.91
N ARG A 19 -3.68 12.71 4.38
CA ARG A 19 -3.51 11.40 5.02
C ARG A 19 -2.93 10.42 4.01
N ALA A 20 -3.42 10.47 2.76
CA ALA A 20 -2.91 9.62 1.72
C ALA A 20 -1.39 9.84 1.57
N PHE A 21 -0.98 11.10 1.43
CA PHE A 21 0.45 11.39 1.20
C PHE A 21 1.27 10.97 2.44
N GLN A 22 0.78 11.26 3.64
CA GLN A 22 1.50 10.96 4.89
C GLN A 22 1.69 9.44 5.02
N SER A 23 0.67 8.68 4.61
CA SER A 23 0.69 7.22 4.68
C SER A 23 1.77 6.67 3.76
N ALA A 24 1.90 7.23 2.56
CA ALA A 24 2.95 6.83 1.64
C ALA A 24 4.30 7.22 2.24
N ALA A 25 4.41 8.43 2.78
CA ALA A 25 5.65 8.94 3.34
C ALA A 25 6.10 8.11 4.55
N ALA A 26 5.15 7.69 5.39
CA ALA A 26 5.47 6.86 6.55
C ALA A 26 6.16 5.56 6.11
N LYS A 27 5.89 5.09 4.88
CA LYS A 27 6.46 3.85 4.36
C LYS A 27 7.61 4.13 3.38
N GLY A 28 8.22 5.32 3.49
CA GLY A 28 9.44 5.67 2.78
C GLY A 28 9.26 6.35 1.43
N ALA A 29 8.04 6.74 1.03
CA ALA A 29 7.93 7.42 -0.24
C ALA A 29 8.36 8.88 -0.04
N ALA A 30 9.15 9.39 -0.98
CA ALA A 30 9.35 10.81 -1.17
C ALA A 30 8.00 11.40 -1.64
N ILE A 31 7.59 12.51 -1.02
CA ILE A 31 6.32 13.13 -1.42
C ILE A 31 6.57 14.59 -1.79
N PRO A 32 5.66 15.18 -2.59
CA PRO A 32 5.66 16.62 -2.85
C PRO A 32 5.53 17.46 -1.58
N GLU A 33 5.91 18.74 -1.68
CA GLU A 33 5.50 19.70 -0.71
C GLU A 33 3.97 19.86 -0.85
N LEU A 34 3.26 19.94 0.28
CA LEU A 34 1.78 20.01 0.35
C LEU A 34 1.40 21.31 1.06
N VAL A 35 0.53 22.11 0.45
CA VAL A 35 -0.08 23.28 1.09
C VAL A 35 -1.59 23.12 0.96
N CYS A 36 -2.23 23.03 2.11
CA CYS A 36 -3.67 22.93 2.17
C CYS A 36 -4.21 24.28 2.67
N PHE A 37 -5.02 24.93 1.84
CA PHE A 37 -5.62 26.19 2.17
C PHE A 37 -7.04 25.93 2.69
N GLU A 38 -7.30 26.43 3.89
CA GLU A 38 -8.59 26.28 4.53
C GLU A 38 -9.09 27.64 4.99
N LYS A 39 -10.30 28.02 4.57
CA LYS A 39 -10.80 29.37 4.91
C LYS A 39 -11.27 29.47 6.36
N GLN A 40 -11.72 28.37 6.95
CA GLN A 40 -12.16 28.37 8.34
C GLN A 40 -10.93 28.39 9.25
N SER A 41 -11.18 28.55 10.55
CA SER A 41 -10.14 28.61 11.58
C SER A 41 -9.65 27.22 12.04
N ASP A 42 -10.36 26.15 11.68
CA ASP A 42 -10.03 24.80 12.10
C ASP A 42 -10.52 23.84 11.00
N TRP A 43 -10.05 22.60 11.10
CA TRP A 43 -10.28 21.55 10.13
C TRP A 43 -11.62 20.86 10.41
N GLY A 44 -12.06 20.01 9.47
CA GLY A 44 -13.30 19.23 9.66
C GLY A 44 -14.36 19.51 8.59
N GLY A 45 -14.23 20.65 7.88
CA GLY A 45 -15.13 20.95 6.78
C GLY A 45 -16.55 21.13 7.26
N MET A 46 -17.48 20.45 6.60
CA MET A 46 -18.89 20.47 6.91
C MET A 46 -19.15 20.02 8.37
N TRP A 47 -18.25 19.19 8.94
CA TRP A 47 -18.42 18.62 10.28
C TRP A 47 -18.06 19.61 11.39
N ASN A 48 -17.54 20.77 11.00
CA ASN A 48 -17.19 21.84 11.93
C ASN A 48 -18.43 22.72 12.04
N TYR A 49 -19.03 22.85 13.25
CA TYR A 49 -20.26 23.59 13.42
C TYR A 49 -19.96 25.08 13.57
N THR A 50 -20.82 25.94 13.00
CA THR A 50 -20.78 27.35 13.31
C THR A 50 -22.21 27.86 13.49
N TRP A 51 -22.34 28.78 14.44
CA TRP A 51 -23.57 29.54 14.63
C TRP A 51 -23.81 30.54 13.49
N ARG A 52 -22.73 30.91 12.79
CA ARG A 52 -22.76 31.92 11.74
C ARG A 52 -23.61 31.41 10.57
N THR A 53 -24.27 32.37 9.91
CA THR A 53 -25.08 32.18 8.70
C THR A 53 -24.67 33.25 7.68
N GLY A 54 -24.89 32.94 6.40
CA GLY A 54 -24.72 33.92 5.31
C GLY A 54 -23.24 34.07 4.94
N VAL A 55 -22.56 34.96 5.64
CA VAL A 55 -21.16 35.32 5.42
C VAL A 55 -20.46 35.34 6.78
N ASP A 56 -19.21 34.84 6.81
CA ASP A 56 -18.42 34.67 8.06
C ASP A 56 -17.85 36.03 8.48
N GLU A 57 -17.07 36.04 9.58
CA GLU A 57 -16.54 37.30 10.12
C GLU A 57 -15.59 38.00 9.13
N HIS A 58 -15.02 37.27 8.17
CA HIS A 58 -14.07 37.86 7.21
C HIS A 58 -14.75 38.31 5.90
N GLY A 59 -16.06 38.06 5.78
CA GLY A 59 -16.77 38.35 4.52
C GLY A 59 -16.86 37.18 3.55
N GLU A 60 -16.36 35.98 3.92
CA GLU A 60 -16.50 34.82 3.01
C GLU A 60 -17.88 34.17 3.21
N PRO A 61 -18.57 33.66 2.17
CA PRO A 61 -19.73 32.82 2.39
C PRO A 61 -19.47 31.79 3.49
N VAL A 62 -20.44 31.67 4.40
CA VAL A 62 -20.35 30.66 5.46
C VAL A 62 -20.40 29.28 4.80
N HIS A 63 -19.41 28.44 5.15
CA HIS A 63 -19.34 27.12 4.54
C HIS A 63 -20.37 26.17 5.18
N GLY A 64 -20.48 26.26 6.51
CA GLY A 64 -21.25 25.29 7.34
C GLY A 64 -22.72 25.23 7.00
N SER A 65 -23.22 24.02 6.74
CA SER A 65 -24.66 23.72 6.59
C SER A 65 -25.20 22.88 7.76
N MET A 66 -24.34 22.40 8.65
CA MET A 66 -24.84 21.59 9.77
C MET A 66 -25.49 22.50 10.84
N TYR A 67 -26.42 21.86 11.53
CA TYR A 67 -27.26 22.50 12.55
C TYR A 67 -27.13 21.78 13.89
N ARG A 68 -27.57 22.47 14.92
CA ARG A 68 -27.68 21.85 16.25
C ARG A 68 -28.45 20.54 16.10
N TYR A 69 -28.02 19.53 16.84
CA TYR A 69 -28.74 18.27 17.02
C TYR A 69 -28.63 17.37 15.79
N LEU A 70 -27.72 17.70 14.86
CA LEU A 70 -27.52 16.88 13.70
C LEU A 70 -26.79 15.59 14.13
N TRP A 71 -27.29 14.44 13.67
CA TRP A 71 -26.63 13.14 13.83
C TRP A 71 -26.39 12.54 12.45
N SER A 72 -25.36 11.69 12.34
CA SER A 72 -25.17 10.72 11.21
C SER A 72 -26.52 10.32 10.62
N ASN A 73 -26.70 10.46 9.30
CA ASN A 73 -28.00 10.12 8.67
C ASN A 73 -27.93 8.74 8.02
N GLY A 74 -26.71 8.21 7.88
CA GLY A 74 -26.48 6.82 7.48
C GLY A 74 -25.79 6.06 8.59
N PRO A 75 -25.74 4.71 8.52
CA PRO A 75 -24.95 3.91 9.45
C PRO A 75 -23.49 4.38 9.49
N LYS A 76 -22.92 4.59 10.67
CA LYS A 76 -21.49 4.98 10.73
C LYS A 76 -20.62 3.89 10.08
N GLU A 77 -21.10 2.65 10.08
CA GLU A 77 -20.34 1.52 9.52
C GLU A 77 -20.15 1.64 8.01
N CYS A 78 -21.03 2.38 7.33
CA CYS A 78 -20.84 2.69 5.89
C CYS A 78 -19.76 3.73 5.61
N LEU A 79 -19.44 4.60 6.57
CA LEU A 79 -18.43 5.67 6.32
C LEU A 79 -17.12 5.45 7.09
N GLU A 80 -16.92 4.28 7.68
CA GLU A 80 -15.69 3.99 8.44
C GLU A 80 -14.42 4.11 7.57
N PHE A 81 -13.35 4.74 8.09
CA PHE A 81 -12.04 4.70 7.41
C PHE A 81 -11.49 3.27 7.50
N ALA A 82 -11.08 2.69 6.36
CA ALA A 82 -10.46 1.36 6.36
C ALA A 82 -9.09 1.37 7.09
N ASP A 83 -8.46 2.53 7.24
CA ASP A 83 -7.12 2.61 7.79
C ASP A 83 -7.11 3.24 9.20
N TYR A 84 -8.27 3.39 9.81
CA TYR A 84 -8.41 4.01 11.12
C TYR A 84 -9.84 3.73 11.60
N THR A 85 -9.98 2.61 12.30
CA THR A 85 -11.27 2.04 12.63
C THR A 85 -11.89 2.80 13.79
N PHE A 86 -13.20 2.62 13.95
CA PHE A 86 -13.95 3.08 15.11
C PHE A 86 -13.38 2.44 16.39
N ASP A 87 -13.08 1.14 16.31
CA ASP A 87 -12.46 0.44 17.47
C ASP A 87 -11.16 1.13 17.89
N GLU A 88 -10.28 1.45 16.94
CA GLU A 88 -9.01 2.11 17.30
C GLU A 88 -9.32 3.48 17.94
N HIS A 89 -10.25 4.23 17.36
CA HIS A 89 -10.48 5.61 17.80
C HIS A 89 -11.18 5.61 19.16
N PHE A 90 -12.26 4.85 19.31
CA PHE A 90 -13.12 4.97 20.50
C PHE A 90 -12.86 3.87 21.56
N GLY A 91 -12.18 2.78 21.16
CA GLY A 91 -11.76 1.70 22.09
C GLY A 91 -12.93 0.95 22.72
N ARG A 92 -14.13 1.08 22.14
CA ARG A 92 -15.29 0.35 22.57
C ARG A 92 -16.36 0.50 21.50
N PRO A 93 -17.44 -0.29 21.52
CA PRO A 93 -18.55 -0.10 20.58
C PRO A 93 -19.38 1.13 21.01
N ILE A 94 -20.00 1.80 20.02
CA ILE A 94 -20.96 2.91 20.24
C ILE A 94 -22.11 2.72 19.25
N GLY A 95 -23.16 3.53 19.38
CA GLY A 95 -24.32 3.54 18.42
C GLY A 95 -23.87 3.71 16.97
N SER A 96 -24.76 3.35 16.05
CA SER A 96 -24.51 3.38 14.60
C SER A 96 -24.71 4.79 14.00
N TYR A 97 -25.27 5.72 14.78
CA TYR A 97 -25.72 7.05 14.29
C TYR A 97 -25.28 8.12 15.28
N PRO A 98 -23.96 8.39 15.39
CA PRO A 98 -23.47 9.39 16.35
C PRO A 98 -23.84 10.83 15.98
N PRO A 99 -24.04 11.73 16.98
CA PRO A 99 -24.09 13.17 16.73
C PRO A 99 -22.83 13.70 16.00
N ARG A 100 -23.01 14.85 15.32
CA ARG A 100 -21.93 15.49 14.56
C ARG A 100 -20.63 15.51 15.38
N GLU A 101 -20.71 15.95 16.63
CA GLU A 101 -19.48 16.19 17.39
C GLU A 101 -18.68 14.88 17.51
N VAL A 102 -19.37 13.75 17.59
CA VAL A 102 -18.70 12.45 17.77
C VAL A 102 -17.96 12.03 16.49
N LEU A 103 -18.57 12.21 15.31
CA LEU A 103 -17.85 11.89 14.07
C LEU A 103 -16.77 12.93 13.75
N TRP A 104 -16.95 14.16 14.19
CA TRP A 104 -15.91 15.17 14.02
C TRP A 104 -14.67 14.72 14.76
N ASP A 105 -14.91 14.21 15.98
CA ASP A 105 -13.86 13.72 16.85
C ASP A 105 -13.10 12.59 16.12
N TYR A 106 -13.86 11.69 15.51
CA TYR A 106 -13.31 10.55 14.72
C TYR A 106 -12.46 11.05 13.54
N ILE A 107 -13.00 12.00 12.76
CA ILE A 107 -12.28 12.54 11.61
C ILE A 107 -10.96 13.15 12.07
N LYS A 108 -11.03 14.02 13.10
CA LYS A 108 -9.85 14.71 13.65
C LYS A 108 -8.83 13.66 14.15
N GLY A 109 -9.33 12.64 14.88
CA GLY A 109 -8.49 11.57 15.45
C GLY A 109 -7.47 11.00 14.47
N ARG A 110 -7.93 10.71 13.25
CA ARG A 110 -7.04 10.15 12.20
C ARG A 110 -5.96 11.15 11.82
N VAL A 111 -6.32 12.39 11.53
CA VAL A 111 -5.29 13.33 11.07
C VAL A 111 -4.47 13.87 12.24
N GLU A 112 -5.01 13.78 13.47
CA GLU A 112 -4.19 14.03 14.65
C GLU A 112 -3.07 12.98 14.70
N LYS A 113 -3.47 11.71 14.60
CA LYS A 113 -2.50 10.62 14.58
C LYS A 113 -1.50 10.74 13.42
N ALA A 114 -1.96 11.14 12.21
CA ALA A 114 -1.10 11.30 11.04
C ALA A 114 -0.15 12.49 11.16
N GLY A 115 -0.46 13.48 12.00
CA GLY A 115 0.45 14.60 12.23
C GLY A 115 0.51 15.58 11.04
N VAL A 116 -0.60 15.72 10.29
CA VAL A 116 -0.64 16.51 9.03
C VAL A 116 -1.12 17.95 9.23
N ARG A 117 -1.44 18.36 10.47
CA ARG A 117 -1.99 19.72 10.71
C ARG A 117 -1.07 20.82 10.17
N ASP A 118 0.26 20.60 10.23
CA ASP A 118 1.26 21.60 9.85
C ASP A 118 1.29 21.84 8.33
N TYR A 119 0.66 21.02 7.51
CA TYR A 119 0.50 21.32 6.09
C TYR A 119 -0.57 22.40 5.85
N ILE A 120 -1.41 22.70 6.84
CA ILE A 120 -2.60 23.49 6.59
C ILE A 120 -2.36 24.96 6.95
N ARG A 121 -2.83 25.85 6.06
CA ARG A 121 -2.88 27.27 6.32
C ARG A 121 -4.35 27.65 6.53
N PHE A 122 -4.72 27.87 7.79
CA PHE A 122 -6.09 28.16 8.16
C PHE A 122 -6.37 29.66 7.90
N ASN A 123 -7.64 30.04 7.98
CA ASN A 123 -8.09 31.42 7.81
C ASN A 123 -7.63 31.98 6.46
N THR A 124 -7.51 31.09 5.46
CA THR A 124 -7.01 31.44 4.16
C THR A 124 -8.01 30.97 3.10
N ALA A 125 -8.53 31.91 2.32
CA ALA A 125 -9.52 31.63 1.27
C ALA A 125 -8.87 31.62 -0.12
N VAL A 126 -9.08 30.56 -0.86
CA VAL A 126 -8.56 30.57 -2.26
C VAL A 126 -9.43 31.53 -3.06
N ARG A 127 -8.79 32.44 -3.78
CA ARG A 127 -9.47 33.49 -4.57
C ARG A 127 -9.38 33.23 -6.08
N GLN A 128 -8.22 32.78 -6.56
CA GLN A 128 -8.10 32.55 -8.02
C GLN A 128 -7.09 31.44 -8.31
N VAL A 129 -7.35 30.73 -9.38
CA VAL A 129 -6.42 29.71 -9.90
C VAL A 129 -6.28 29.95 -11.41
N SER A 130 -5.04 29.97 -11.86
CA SER A 130 -4.74 30.03 -13.31
C SER A 130 -3.67 28.99 -13.63
N TYR A 131 -3.50 28.70 -14.91
CA TYR A 131 -2.52 27.69 -15.34
C TYR A 131 -1.70 28.26 -16.49
N ASP A 132 -0.41 27.99 -16.43
CA ASP A 132 0.51 28.44 -17.44
C ASP A 132 0.98 27.23 -18.24
N GLU A 133 0.75 27.25 -19.56
CA GLU A 133 1.08 26.10 -20.42
C GLU A 133 2.59 25.79 -20.35
N THR A 134 3.42 26.84 -20.37
CA THR A 134 4.86 26.62 -20.60
C THR A 134 5.51 25.97 -19.35
N SER A 135 5.25 26.53 -18.16
CA SER A 135 5.81 26.03 -16.89
C SER A 135 5.07 24.77 -16.43
N GLY A 136 3.83 24.59 -16.89
CA GLY A 136 2.99 23.53 -16.37
C GLY A 136 2.58 23.79 -14.92
N LEU A 137 2.59 25.07 -14.48
CA LEU A 137 2.27 25.40 -13.09
C LEU A 137 0.93 26.14 -13.02
N PHE A 138 0.22 25.86 -11.92
CA PHE A 138 -0.94 26.62 -11.50
C PHE A 138 -0.48 27.73 -10.58
N SER A 139 -1.04 28.92 -10.78
CA SER A 139 -0.88 30.03 -9.85
C SER A 139 -2.15 30.09 -8.98
N VAL A 140 -1.97 29.98 -7.66
CA VAL A 140 -3.04 29.98 -6.71
C VAL A 140 -2.90 31.24 -5.86
N THR A 141 -3.93 32.10 -5.96
CA THR A 141 -3.99 33.34 -5.23
C THR A 141 -4.98 33.14 -4.09
N VAL A 142 -4.56 33.58 -2.90
CA VAL A 142 -5.36 33.35 -1.70
C VAL A 142 -5.41 34.65 -0.88
N GLN A 143 -6.47 34.77 -0.08
CA GLN A 143 -6.50 35.83 0.94
C GLN A 143 -6.28 35.20 2.32
N ASP A 144 -5.19 35.60 2.97
CA ASP A 144 -4.88 35.27 4.34
C ASP A 144 -5.56 36.28 5.25
N HIS A 145 -6.66 35.85 5.88
CA HIS A 145 -7.46 36.72 6.69
C HIS A 145 -6.82 36.98 8.05
N SER A 146 -5.84 36.17 8.46
CA SER A 146 -5.16 36.39 9.72
C SER A 146 -4.35 37.69 9.67
N ASN A 147 -3.85 38.00 8.48
CA ASN A 147 -2.93 39.12 8.22
C ASN A 147 -3.48 40.12 7.21
N ASN A 148 -4.66 39.86 6.67
CA ASN A 148 -5.31 40.71 5.63
C ASN A 148 -4.34 40.93 4.46
N ARG A 149 -3.82 39.84 3.88
CA ARG A 149 -2.86 39.95 2.75
C ARG A 149 -3.22 38.94 1.65
N VAL A 150 -3.17 39.38 0.39
CA VAL A 150 -3.48 38.50 -0.77
C VAL A 150 -2.12 38.10 -1.36
N TYR A 151 -1.90 36.82 -1.56
CA TYR A 151 -0.59 36.36 -2.10
C TYR A 151 -0.81 35.23 -3.09
N THR A 152 0.16 35.00 -3.95
CA THR A 152 0.06 33.94 -4.98
C THR A 152 1.31 33.05 -4.91
N GLU A 153 1.11 31.76 -5.06
CA GLU A 153 2.20 30.80 -5.17
C GLU A 153 1.86 29.84 -6.31
N THR A 154 2.90 29.19 -6.87
CA THR A 154 2.75 28.22 -7.95
C THR A 154 2.82 26.78 -7.43
N PHE A 155 2.17 25.89 -8.16
CA PHE A 155 2.01 24.50 -7.81
C PHE A 155 1.90 23.67 -9.07
N ASP A 156 2.40 22.45 -8.97
CA ASP A 156 2.37 21.52 -10.06
C ASP A 156 0.99 20.90 -10.21
N TYR A 157 0.29 20.71 -9.10
CA TYR A 157 -1.05 20.11 -9.06
C TYR A 157 -1.96 20.92 -8.14
N VAL A 158 -3.25 21.00 -8.49
CA VAL A 158 -4.28 21.56 -7.60
C VAL A 158 -5.36 20.50 -7.38
N VAL A 159 -5.62 20.23 -6.11
CA VAL A 159 -6.64 19.30 -5.68
C VAL A 159 -7.74 20.11 -5.01
N ASN A 160 -8.90 20.16 -5.66
CA ASN A 160 -10.00 20.96 -5.22
C ASN A 160 -10.88 20.13 -4.31
N ALA A 161 -10.85 20.42 -3.01
CA ALA A 161 -11.64 19.67 -2.05
C ALA A 161 -12.61 20.61 -1.32
N CYS A 162 -13.24 21.52 -2.08
CA CYS A 162 -13.99 22.65 -1.48
C CYS A 162 -15.46 22.29 -1.20
N GLY A 163 -15.88 21.07 -1.53
CA GLY A 163 -17.26 20.57 -1.34
C GLY A 163 -18.27 21.16 -2.33
N HIS A 164 -19.52 20.65 -2.27
CA HIS A 164 -20.62 21.14 -3.11
C HIS A 164 -21.99 21.13 -2.41
N PHE A 165 -21.95 21.24 -1.07
CA PHE A 165 -23.17 21.31 -0.27
C PHE A 165 -23.13 22.54 0.63
N SER A 166 -22.63 23.68 0.13
CA SER A 166 -22.49 24.94 0.92
C SER A 166 -23.11 26.14 0.21
N THR A 167 -23.03 26.15 -1.13
CA THR A 167 -23.67 27.25 -1.90
C THR A 167 -25.11 26.85 -2.22
N PRO A 168 -26.11 27.46 -1.58
CA PRO A 168 -27.48 27.02 -1.77
C PRO A 168 -28.11 27.20 -3.15
N ASN A 169 -29.00 26.27 -3.46
CA ASN A 169 -29.94 26.38 -4.59
C ASN A 169 -31.20 26.97 -3.94
N THR A 170 -31.51 28.24 -4.23
CA THR A 170 -32.62 28.95 -3.54
C THR A 170 -33.64 29.46 -4.56
N PRO A 171 -34.60 28.62 -4.97
CA PRO A 171 -35.60 29.05 -5.90
C PRO A 171 -36.60 30.04 -5.28
N TYR A 172 -36.95 31.06 -6.05
CA TYR A 172 -38.07 31.94 -5.70
C TYR A 172 -39.39 31.23 -5.89
N PHE A 173 -40.33 31.52 -4.99
CA PHE A 173 -41.75 31.18 -5.15
C PHE A 173 -42.58 32.46 -5.02
N GLU A 174 -43.58 32.59 -5.91
CA GLU A 174 -44.49 33.77 -5.92
C GLU A 174 -44.86 34.16 -4.48
N GLY A 175 -44.54 35.41 -4.11
CA GLY A 175 -45.00 36.00 -2.84
C GLY A 175 -43.98 35.99 -1.70
N PHE A 176 -42.79 35.43 -1.90
CA PHE A 176 -41.79 35.40 -0.82
C PHE A 176 -41.53 36.82 -0.30
N GLU A 177 -41.65 37.83 -1.16
CA GLU A 177 -41.36 39.24 -0.76
C GLU A 177 -42.55 39.88 0.00
N ARG A 178 -43.67 39.18 0.12
CA ARG A 178 -44.91 39.61 0.79
C ARG A 178 -45.12 38.83 2.09
N PHE A 179 -44.49 37.67 2.23
CA PHE A 179 -44.64 36.77 3.41
C PHE A 179 -44.02 37.43 4.65
N GLY A 180 -44.69 37.33 5.79
CA GLY A 180 -44.27 37.99 7.03
C GLY A 180 -43.32 37.16 7.89
N GLY A 181 -43.27 35.85 7.66
CA GLY A 181 -42.37 35.01 8.42
C GLY A 181 -41.01 34.89 7.80
N ARG A 182 -40.14 34.16 8.49
CA ARG A 182 -38.77 33.94 8.04
C ARG A 182 -38.81 33.02 6.81
N VAL A 183 -38.03 33.42 5.79
CA VAL A 183 -37.69 32.57 4.68
C VAL A 183 -36.17 32.33 4.71
N LEU A 184 -35.79 31.06 4.82
CA LEU A 184 -34.40 30.67 4.81
C LEU A 184 -34.21 29.41 3.94
N HIS A 185 -32.94 29.12 3.67
CA HIS A 185 -32.49 27.88 3.10
C HIS A 185 -32.08 26.95 4.24
N ALA A 186 -32.12 25.66 3.97
CA ALA A 186 -31.56 24.66 4.87
C ALA A 186 -30.16 25.08 5.35
N HIS A 187 -29.34 25.65 4.46
CA HIS A 187 -27.97 26.07 4.73
C HIS A 187 -27.86 27.02 5.93
N ASP A 188 -28.95 27.74 6.25
CA ASP A 188 -29.02 28.79 7.30
C ASP A 188 -29.71 28.27 8.56
N PHE A 189 -30.16 27.03 8.55
CA PHE A 189 -30.88 26.45 9.69
C PHE A 189 -29.86 26.17 10.79
N ARG A 190 -30.12 26.65 12.01
CA ARG A 190 -29.17 26.44 13.06
C ARG A 190 -29.80 25.69 14.25
N ASP A 191 -30.66 26.35 15.01
CA ASP A 191 -31.26 25.73 16.21
C ASP A 191 -32.74 25.53 15.91
N ALA A 192 -33.20 24.26 15.91
CA ALA A 192 -34.63 23.94 15.72
C ALA A 192 -35.52 24.61 16.78
N LEU A 193 -34.99 25.00 17.95
CA LEU A 193 -35.82 25.68 18.99
C LEU A 193 -36.37 27.02 18.50
N GLU A 194 -35.73 27.61 17.48
CA GLU A 194 -36.22 28.81 16.84
C GLU A 194 -37.65 28.56 16.33
N PHE A 195 -38.00 27.30 16.01
CA PHE A 195 -39.32 27.00 15.43
C PHE A 195 -40.26 26.27 16.40
N LYS A 196 -39.84 26.18 17.66
CA LYS A 196 -40.70 25.62 18.72
C LYS A 196 -42.06 26.33 18.66
N ASP A 197 -43.12 25.53 18.65
CA ASP A 197 -44.54 26.02 18.67
C ASP A 197 -44.90 26.81 17.40
N LYS A 198 -44.12 26.67 16.31
CA LYS A 198 -44.44 27.37 15.10
C LYS A 198 -44.89 26.35 14.05
N ASP A 199 -45.66 26.84 13.09
CA ASP A 199 -46.05 26.07 11.91
C ASP A 199 -45.03 26.31 10.79
N ILE A 200 -44.31 25.25 10.41
CA ILE A 200 -43.12 25.28 9.53
C ILE A 200 -43.51 24.67 8.17
N LEU A 201 -42.99 25.24 7.07
CA LEU A 201 -43.03 24.57 5.75
C LEU A 201 -41.61 24.19 5.31
N VAL A 202 -41.35 22.91 4.97
CA VAL A 202 -40.06 22.55 4.37
C VAL A 202 -40.33 22.26 2.89
N VAL A 203 -39.58 22.94 2.01
CA VAL A 203 -39.68 22.74 0.59
C VAL A 203 -38.56 21.77 0.17
N GLY A 204 -38.94 20.59 -0.31
CA GLY A 204 -38.00 19.61 -0.82
C GLY A 204 -38.41 18.22 -0.41
N SER A 205 -37.64 17.23 -0.86
CA SER A 205 -38.02 15.85 -0.74
C SER A 205 -36.80 14.92 -0.67
N SER A 206 -35.65 15.43 -0.19
CA SER A 206 -34.45 14.63 0.02
C SER A 206 -34.07 14.73 1.51
N TYR A 207 -32.81 14.45 1.84
CA TYR A 207 -32.31 14.33 3.20
C TYR A 207 -32.53 15.60 4.02
N SER A 208 -32.29 16.78 3.45
CA SER A 208 -32.45 18.02 4.23
C SER A 208 -33.92 18.17 4.65
N ALA A 209 -34.87 17.94 3.71
CA ALA A 209 -36.32 18.01 4.05
C ALA A 209 -36.69 16.97 5.14
N GLU A 210 -36.25 15.72 4.94
CA GLU A 210 -36.51 14.63 5.90
C GLU A 210 -36.03 15.04 7.29
N ASP A 211 -34.78 15.51 7.37
CA ASP A 211 -34.12 15.65 8.65
C ASP A 211 -34.46 16.97 9.33
N ILE A 212 -34.53 18.06 8.57
CA ILE A 212 -34.90 19.34 9.17
C ILE A 212 -36.35 19.25 9.66
N GLY A 213 -37.23 18.65 8.85
CA GLY A 213 -38.57 18.44 9.29
C GLY A 213 -38.58 17.64 10.59
N SER A 214 -37.74 16.60 10.65
CA SER A 214 -37.67 15.71 11.81
C SER A 214 -37.13 16.45 13.05
N GLN A 215 -36.16 17.34 12.87
CA GLN A 215 -35.65 18.12 14.01
C GLN A 215 -36.74 19.02 14.56
N CYS A 216 -37.50 19.64 13.65
CA CYS A 216 -38.57 20.57 14.03
C CYS A 216 -39.61 19.78 14.84
N TYR A 217 -39.89 18.56 14.38
CA TYR A 217 -40.77 17.64 15.09
C TYR A 217 -40.24 17.33 16.51
N LYS A 218 -39.04 16.76 16.58
CA LYS A 218 -38.38 16.39 17.79
C LYS A 218 -38.28 17.58 18.75
N TYR A 219 -38.13 18.82 18.28
CA TYR A 219 -37.82 19.94 19.17
C TYR A 219 -39.04 20.84 19.35
N GLY A 220 -40.23 20.38 18.93
CA GLY A 220 -41.49 20.92 19.44
C GLY A 220 -42.15 21.95 18.55
N ALA A 221 -41.84 21.94 17.24
CA ALA A 221 -42.62 22.72 16.31
C ALA A 221 -44.09 22.31 16.42
N ARG A 222 -45.00 23.27 16.23
CA ARG A 222 -46.43 22.99 16.34
C ARG A 222 -46.85 22.09 15.18
N SER A 223 -46.41 22.38 13.95
CA SER A 223 -46.73 21.52 12.79
C SER A 223 -45.62 21.60 11.75
N ILE A 224 -45.44 20.52 10.98
CA ILE A 224 -44.56 20.49 9.85
C ILE A 224 -45.42 20.29 8.61
N THR A 225 -45.20 21.14 7.60
CA THR A 225 -45.73 20.87 6.31
C THR A 225 -44.52 20.68 5.39
N SER A 226 -44.53 19.62 4.56
CA SER A 226 -43.48 19.50 3.56
C SER A 226 -44.12 19.50 2.18
N CYS A 227 -43.36 19.95 1.16
CA CYS A 227 -43.90 19.90 -0.18
C CYS A 227 -42.80 19.51 -1.18
N TYR A 228 -43.22 18.74 -2.20
CA TYR A 228 -42.32 18.11 -3.14
C TYR A 228 -42.58 18.68 -4.53
N ARG A 229 -41.51 18.78 -5.34
CA ARG A 229 -41.63 19.25 -6.69
C ARG A 229 -42.24 18.13 -7.54
N SER A 230 -41.80 16.90 -7.31
CA SER A 230 -42.36 15.83 -8.13
C SER A 230 -42.58 14.55 -7.31
N ALA A 231 -41.57 14.05 -6.59
CA ALA A 231 -41.69 12.80 -5.84
C ALA A 231 -41.87 13.06 -4.35
N PRO A 232 -42.97 12.59 -3.72
CA PRO A 232 -43.07 12.63 -2.26
C PRO A 232 -41.99 11.79 -1.59
N MET A 233 -41.61 12.20 -0.38
CA MET A 233 -40.70 11.47 0.44
C MET A 233 -41.38 10.14 0.79
N GLY A 234 -42.67 10.23 1.17
CA GLY A 234 -43.62 9.06 1.23
C GLY A 234 -43.61 8.27 2.55
N TYR A 235 -42.69 8.59 3.46
CA TYR A 235 -42.59 7.96 4.80
C TYR A 235 -43.93 8.18 5.52
N GLN A 236 -44.21 7.33 6.53
CA GLN A 236 -45.33 7.55 7.38
C GLN A 236 -44.95 8.66 8.38
N TRP A 237 -45.54 9.85 8.24
CA TRP A 237 -45.11 10.99 9.05
C TRP A 237 -45.93 11.02 10.35
N PRO A 238 -45.48 11.71 11.42
CA PRO A 238 -46.29 11.86 12.62
C PRO A 238 -47.55 12.69 12.35
N GLN A 239 -48.41 12.77 13.36
CA GLN A 239 -49.74 13.36 13.31
C GLN A 239 -49.68 14.83 12.85
N ASN A 240 -48.70 15.61 13.34
CA ASN A 240 -48.65 17.05 13.06
C ASN A 240 -47.80 17.38 11.79
N TRP A 241 -47.59 16.39 10.91
CA TRP A 241 -46.80 16.55 9.66
C TRP A 241 -47.67 16.17 8.47
N GLU A 242 -47.76 17.06 7.48
CA GLU A 242 -48.47 16.76 6.27
C GLU A 242 -47.54 17.03 5.07
N GLU A 243 -47.51 16.06 4.15
CA GLU A 243 -46.74 16.20 2.89
C GLU A 243 -47.70 16.66 1.78
N LYS A 244 -47.30 17.72 1.06
CA LYS A 244 -48.15 18.30 0.03
C LYS A 244 -47.39 18.44 -1.28
N PRO A 245 -48.10 18.49 -2.43
CA PRO A 245 -47.49 18.80 -3.70
C PRO A 245 -47.01 20.26 -3.66
N LEU A 246 -46.33 20.67 -4.72
CA LEU A 246 -45.44 21.83 -4.72
C LEU A 246 -46.21 23.11 -4.30
N LEU A 247 -45.58 23.87 -3.40
CA LEU A 247 -45.88 25.29 -3.21
C LEU A 247 -46.09 26.02 -4.54
N GLN A 248 -47.22 26.74 -4.63
CA GLN A 248 -47.56 27.61 -5.78
C GLN A 248 -47.27 29.07 -5.43
N ARG A 249 -47.66 29.47 -4.23
CA ARG A 249 -47.44 30.87 -3.81
C ARG A 249 -47.71 31.07 -2.32
N VAL A 250 -47.30 32.22 -1.81
CA VAL A 250 -47.48 32.59 -0.43
C VAL A 250 -48.00 34.02 -0.40
N ASP A 251 -48.84 34.35 0.58
CA ASP A 251 -49.26 35.73 0.79
C ASP A 251 -48.59 36.18 2.10
N SER A 252 -49.22 37.07 2.86
CA SER A 252 -48.59 37.60 4.05
C SER A 252 -48.37 36.50 5.09
N ASP A 253 -49.21 35.46 5.13
CA ASP A 253 -49.07 34.44 6.18
C ASP A 253 -49.47 33.03 5.74
N THR A 254 -49.90 32.83 4.50
CA THR A 254 -50.49 31.57 4.08
C THR A 254 -49.83 31.06 2.80
N ALA A 255 -49.62 29.75 2.77
CA ALA A 255 -49.01 29.07 1.66
C ALA A 255 -50.12 28.33 0.91
N TRP A 256 -50.02 28.32 -0.43
CA TRP A 256 -50.99 27.69 -1.32
C TRP A 256 -50.24 26.66 -2.19
N PHE A 257 -50.81 25.46 -2.26
CA PHE A 257 -50.15 24.31 -2.91
C PHE A 257 -50.78 23.97 -4.26
N ALA A 258 -50.14 23.04 -4.97
CA ALA A 258 -50.55 22.64 -6.34
C ALA A 258 -51.98 22.08 -6.40
N ASP A 259 -52.44 21.43 -5.33
CA ASP A 259 -53.78 20.80 -5.25
C ASP A 259 -54.85 21.82 -4.82
N GLY A 260 -54.49 23.08 -4.64
CA GLY A 260 -55.47 24.11 -4.25
C GLY A 260 -55.60 24.25 -2.75
N SER A 261 -54.95 23.39 -1.98
CA SER A 261 -55.00 23.48 -0.51
C SER A 261 -54.15 24.63 0.02
N HIS A 262 -54.33 24.99 1.29
CA HIS A 262 -53.58 26.10 1.89
C HIS A 262 -53.25 25.82 3.35
N LYS A 263 -52.21 26.47 3.82
CA LYS A 263 -51.81 26.35 5.20
C LYS A 263 -51.22 27.68 5.69
N ARG A 264 -51.73 28.18 6.81
CA ARG A 264 -51.05 29.28 7.56
C ARG A 264 -49.69 28.78 8.06
N ILE A 265 -48.63 29.51 7.73
CA ILE A 265 -47.30 29.09 8.13
C ILE A 265 -46.54 30.27 8.74
N ASP A 266 -45.61 29.99 9.64
CA ASP A 266 -44.80 31.03 10.31
C ASP A 266 -43.42 31.16 9.67
N ALA A 267 -42.92 30.11 9.02
CA ALA A 267 -41.55 30.13 8.45
C ALA A 267 -41.44 29.12 7.32
N ILE A 268 -40.58 29.43 6.35
CA ILE A 268 -40.34 28.61 5.17
C ILE A 268 -38.84 28.28 5.08
N ILE A 269 -38.53 26.98 4.99
CA ILE A 269 -37.16 26.47 4.92
C ILE A 269 -37.01 25.75 3.60
N LEU A 270 -36.23 26.36 2.69
CA LEU A 270 -35.98 25.78 1.40
C LEU A 270 -34.92 24.66 1.57
N CYS A 271 -35.37 23.43 1.41
CA CYS A 271 -34.50 22.26 1.47
C CYS A 271 -34.26 21.75 0.05
N THR A 272 -33.76 22.68 -0.78
CA THR A 272 -33.77 22.61 -2.23
C THR A 272 -32.38 22.36 -2.79
N GLY A 273 -31.45 21.92 -1.92
CA GLY A 273 -30.13 21.48 -2.35
C GLY A 273 -29.19 22.63 -2.59
N TYR A 274 -28.09 22.32 -3.28
CA TYR A 274 -26.90 23.13 -3.30
C TYR A 274 -26.33 23.14 -4.73
N GLN A 275 -25.37 24.05 -4.93
CA GLN A 275 -24.73 24.26 -6.23
C GLN A 275 -23.23 23.95 -6.13
N HIS A 276 -22.69 23.36 -7.21
CA HIS A 276 -21.29 23.29 -7.43
C HIS A 276 -20.84 24.67 -7.85
N HIS A 277 -20.14 25.40 -6.99
CA HIS A 277 -19.87 26.81 -7.20
C HIS A 277 -18.39 27.06 -6.94
N PHE A 278 -17.66 27.43 -8.01
CA PHE A 278 -16.22 27.56 -7.94
C PHE A 278 -15.83 28.91 -8.48
N PRO A 279 -16.07 29.99 -7.70
CA PRO A 279 -15.82 31.35 -8.16
C PRO A 279 -14.35 31.65 -8.42
N PHE A 280 -13.45 30.78 -7.92
CA PHE A 280 -12.01 30.96 -7.98
C PHE A 280 -11.42 30.28 -9.24
N LEU A 281 -12.26 29.72 -10.11
CA LEU A 281 -11.84 28.98 -11.30
C LEU A 281 -12.24 29.72 -12.58
N PRO A 282 -11.33 29.72 -13.57
CA PRO A 282 -11.67 30.13 -14.93
C PRO A 282 -12.44 28.99 -15.61
N ASP A 283 -13.15 29.32 -16.69
CA ASP A 283 -14.01 28.34 -17.37
C ASP A 283 -13.18 27.13 -17.84
N SER A 284 -11.92 27.38 -18.22
CA SER A 284 -10.99 26.34 -18.65
C SER A 284 -10.82 25.21 -17.60
N LEU A 285 -11.10 25.46 -16.31
CA LEU A 285 -10.86 24.52 -15.20
C LEU A 285 -12.17 24.20 -14.43
N ARG A 286 -13.28 24.84 -14.80
CA ARG A 286 -14.50 24.95 -13.93
C ARG A 286 -15.53 23.88 -14.30
N LEU A 287 -15.70 22.92 -13.38
CA LEU A 287 -16.70 21.88 -13.42
C LEU A 287 -18.08 22.51 -13.23
N ILE A 288 -18.94 22.18 -14.17
CA ILE A 288 -20.32 22.61 -14.19
C ILE A 288 -21.15 21.32 -14.19
N THR A 289 -21.91 21.08 -13.12
CA THR A 289 -22.65 19.86 -12.96
C THR A 289 -23.76 20.06 -11.94
N GLU A 290 -24.82 19.27 -12.11
CA GLU A 290 -25.84 19.06 -11.10
C GLU A 290 -25.31 17.99 -10.12
N ASN A 291 -25.99 17.90 -8.97
CA ASN A 291 -25.64 16.93 -7.89
C ASN A 291 -26.04 15.53 -8.35
N ARG A 292 -25.06 14.67 -8.62
CA ARG A 292 -25.39 13.38 -9.18
C ARG A 292 -24.24 12.40 -8.94
N LEU A 293 -24.46 11.10 -9.22
CA LEU A 293 -23.45 10.10 -8.98
C LEU A 293 -22.30 10.20 -9.98
N TRP A 294 -22.54 10.68 -11.19
CA TRP A 294 -21.48 10.71 -12.20
C TRP A 294 -21.45 11.97 -13.03
N PRO A 295 -20.91 13.09 -12.51
CA PRO A 295 -20.59 14.22 -13.36
C PRO A 295 -19.54 13.83 -14.42
N LEU A 296 -19.64 14.45 -15.60
CA LEU A 296 -18.70 14.25 -16.70
C LEU A 296 -17.45 15.12 -16.49
N LYS A 297 -16.43 14.84 -17.32
CA LYS A 297 -15.21 15.60 -17.44
C LYS A 297 -14.28 15.34 -16.25
N LEU A 298 -14.55 14.29 -15.48
CA LEU A 298 -13.76 13.91 -14.34
C LEU A 298 -13.32 12.47 -14.55
N TYR A 299 -12.09 12.29 -15.05
CA TYR A 299 -11.55 10.98 -15.25
C TYR A 299 -11.34 10.32 -13.87
N LYS A 300 -11.77 9.06 -13.79
CA LYS A 300 -11.95 8.29 -12.53
C LYS A 300 -12.69 9.11 -11.45
N GLY A 301 -13.61 9.98 -11.88
CA GLY A 301 -14.38 10.86 -10.99
C GLY A 301 -13.53 11.95 -10.33
N ILE A 302 -12.30 12.16 -10.80
CA ILE A 302 -11.27 12.96 -10.11
C ILE A 302 -10.57 13.99 -11.02
N PHE A 303 -10.01 13.51 -12.13
CA PHE A 303 -9.05 14.30 -12.92
C PHE A 303 -9.79 15.11 -14.00
N TRP A 304 -9.66 16.43 -13.94
CA TRP A 304 -10.30 17.32 -14.94
C TRP A 304 -9.76 17.00 -16.34
N GLU A 305 -10.62 16.57 -17.26
CA GLU A 305 -10.15 15.94 -18.49
C GLU A 305 -9.39 16.94 -19.39
N ASP A 306 -9.63 18.25 -19.26
CA ASP A 306 -8.98 19.28 -20.08
C ASP A 306 -7.60 19.61 -19.50
N ASN A 307 -7.38 19.30 -18.22
CA ASN A 307 -6.11 19.56 -17.54
C ASN A 307 -6.05 18.66 -16.32
N PRO A 308 -5.58 17.40 -16.45
CA PRO A 308 -5.69 16.43 -15.36
C PRO A 308 -4.64 16.59 -14.24
N LYS A 309 -3.91 17.71 -14.23
CA LYS A 309 -3.18 18.12 -13.03
C LYS A 309 -4.05 18.98 -12.12
N PHE A 310 -5.28 19.28 -12.56
CA PHE A 310 -6.35 19.87 -11.73
C PHE A 310 -7.31 18.74 -11.36
N LEU A 311 -7.43 18.50 -10.06
CA LEU A 311 -8.25 17.39 -9.53
C LEU A 311 -9.42 17.95 -8.71
N TYR A 312 -10.54 17.21 -8.76
CA TYR A 312 -11.70 17.39 -7.89
C TYR A 312 -11.89 16.14 -7.03
N LEU A 313 -12.06 16.33 -5.70
CA LEU A 313 -12.44 15.25 -4.78
C LEU A 313 -13.87 15.51 -4.30
N GLY A 314 -14.64 14.43 -4.09
CA GLY A 314 -15.91 14.48 -3.40
C GLY A 314 -17.01 15.25 -4.15
N MET A 315 -16.90 15.39 -5.48
CA MET A 315 -17.88 16.21 -6.21
C MET A 315 -19.11 15.41 -6.68
N GLN A 316 -19.07 14.10 -6.49
CA GLN A 316 -20.23 13.27 -6.68
C GLN A 316 -21.22 13.47 -5.51
N ASP A 317 -22.48 13.20 -5.82
CA ASP A 317 -23.51 12.92 -4.80
C ASP A 317 -23.07 11.69 -3.99
N GLN A 318 -23.54 11.62 -2.75
CA GLN A 318 -22.96 10.78 -1.72
C GLN A 318 -23.99 9.79 -1.17
N TRP A 319 -23.75 8.48 -1.40
CA TRP A 319 -24.25 7.38 -0.55
C TRP A 319 -23.12 6.97 0.38
N TYR A 320 -22.05 6.44 -0.24
CA TYR A 320 -20.77 6.37 0.40
C TYR A 320 -20.27 7.81 0.60
N SER A 321 -19.41 7.99 1.59
CA SER A 321 -18.79 9.27 1.83
C SER A 321 -17.32 9.07 2.23
N PHE A 322 -17.01 8.94 3.54
CA PHE A 322 -15.63 9.09 3.92
C PHE A 322 -14.71 8.11 3.19
N ASN A 323 -15.11 6.84 3.03
CA ASN A 323 -14.11 5.88 2.44
C ASN A 323 -14.12 6.00 0.90
N MET A 324 -15.15 6.62 0.32
CA MET A 324 -15.02 7.02 -1.09
C MET A 324 -13.95 8.12 -1.22
N PHE A 325 -13.98 9.10 -0.32
CA PHE A 325 -13.01 10.22 -0.43
C PHE A 325 -11.59 9.68 -0.26
N ASP A 326 -11.42 8.72 0.66
CA ASP A 326 -10.11 8.07 0.81
C ASP A 326 -9.72 7.41 -0.51
N ALA A 327 -10.64 6.65 -1.10
CA ALA A 327 -10.35 5.91 -2.31
C ALA A 327 -9.87 6.89 -3.39
N GLN A 328 -10.58 8.03 -3.51
CA GLN A 328 -10.21 9.08 -4.45
C GLN A 328 -8.83 9.65 -4.10
N ALA A 329 -8.60 9.97 -2.82
CA ALA A 329 -7.38 10.63 -2.40
C ALA A 329 -6.15 9.74 -2.66
N TRP A 330 -6.31 8.43 -2.42
CA TRP A 330 -5.22 7.49 -2.67
C TRP A 330 -4.92 7.37 -4.18
N TYR A 331 -5.96 7.30 -5.04
CA TYR A 331 -5.75 7.27 -6.48
C TYR A 331 -5.05 8.57 -6.94
N ALA A 332 -5.54 9.71 -6.44
CA ALA A 332 -4.96 11.03 -6.75
C ALA A 332 -3.46 11.07 -6.40
N ARG A 333 -3.16 10.62 -5.20
CA ARG A 333 -1.78 10.55 -4.69
C ARG A 333 -0.92 9.69 -5.61
N ASP A 334 -1.38 8.49 -5.94
CA ASP A 334 -0.57 7.59 -6.79
C ASP A 334 -0.34 8.22 -8.17
N VAL A 335 -1.31 8.96 -8.67
CA VAL A 335 -1.10 9.61 -9.98
C VAL A 335 -0.07 10.72 -9.81
N ILE A 336 -0.20 11.52 -8.76
CA ILE A 336 0.76 12.65 -8.53
C ILE A 336 2.19 12.12 -8.33
N LEU A 337 2.33 10.98 -7.66
CA LEU A 337 3.65 10.38 -7.37
C LEU A 337 4.25 9.72 -8.63
N GLY A 338 3.46 9.49 -9.68
CA GLY A 338 3.98 8.90 -10.89
C GLY A 338 3.81 7.40 -10.92
N ARG A 339 3.13 6.84 -9.90
CA ARG A 339 2.94 5.39 -9.79
C ARG A 339 1.89 4.90 -10.80
N ILE A 340 0.90 5.74 -11.12
CA ILE A 340 -0.17 5.39 -12.02
C ILE A 340 -0.11 6.47 -13.11
N SER A 341 -0.18 6.06 -14.37
CA SER A 341 -0.21 7.04 -15.45
C SER A 341 -1.64 7.14 -16.00
N LEU A 342 -1.99 8.33 -16.47
CA LEU A 342 -3.27 8.62 -17.04
C LEU A 342 -3.20 8.36 -18.54
N PRO A 343 -4.28 7.85 -19.17
CA PRO A 343 -4.33 7.74 -20.62
C PRO A 343 -4.56 9.09 -21.29
N GLY A 344 -4.62 9.12 -22.63
CA GLY A 344 -4.87 10.30 -23.41
C GLY A 344 -6.30 10.79 -23.25
N LYS A 345 -6.55 12.04 -23.63
CA LYS A 345 -7.82 12.71 -23.42
C LYS A 345 -8.99 11.91 -24.03
N ALA A 346 -8.81 11.43 -25.27
CA ALA A 346 -9.88 10.79 -26.01
C ALA A 346 -10.31 9.52 -25.28
N GLU A 347 -9.33 8.79 -24.76
CA GLU A 347 -9.59 7.59 -24.01
C GLU A 347 -10.31 7.95 -22.68
N MET A 348 -9.82 8.98 -21.98
CA MET A 348 -10.46 9.44 -20.74
C MET A 348 -11.94 9.78 -21.02
N GLN A 349 -12.19 10.45 -22.15
CA GLN A 349 -13.57 10.90 -22.51
C GLN A 349 -14.48 9.70 -22.76
N ALA A 350 -13.98 8.72 -23.53
CA ALA A 350 -14.73 7.51 -23.83
C ALA A 350 -15.11 6.78 -22.54
N GLU A 351 -14.15 6.65 -21.61
CA GLU A 351 -14.43 5.93 -20.34
C GLU A 351 -15.44 6.70 -19.45
N ASN A 352 -15.24 8.01 -19.30
CA ASN A 352 -16.19 8.86 -18.54
C ASN A 352 -17.61 8.71 -19.11
N GLN A 353 -17.74 8.72 -20.43
CA GLN A 353 -19.05 8.53 -21.11
C GLN A 353 -19.62 7.13 -20.81
N ALA A 354 -18.77 6.10 -20.73
CA ALA A 354 -19.26 4.74 -20.40
C ALA A 354 -19.88 4.72 -19.00
N TRP A 355 -19.19 5.33 -18.02
CA TRP A 355 -19.75 5.47 -16.65
C TRP A 355 -21.07 6.25 -16.71
N ARG A 356 -21.10 7.33 -17.49
CA ARG A 356 -22.33 8.16 -17.58
C ARG A 356 -23.51 7.31 -18.07
N GLU A 357 -23.30 6.51 -19.13
CA GLU A 357 -24.39 5.68 -19.69
C GLU A 357 -24.95 4.74 -18.63
N ARG A 358 -24.09 4.10 -17.82
CA ARG A 358 -24.55 3.27 -16.72
C ARG A 358 -25.32 4.15 -15.71
N GLU A 359 -24.74 5.31 -15.37
CA GLU A 359 -25.36 6.23 -14.39
C GLU A 359 -26.81 6.54 -14.81
N GLU A 360 -27.00 6.78 -16.10
CA GLU A 360 -28.29 7.26 -16.61
C GLU A 360 -29.36 6.18 -16.49
N LYS A 361 -28.98 4.92 -16.33
CA LYS A 361 -29.91 3.81 -16.31
C LYS A 361 -30.40 3.51 -14.89
N LEU A 362 -29.71 4.02 -13.86
CA LEU A 362 -30.03 3.69 -12.44
C LEU A 362 -31.45 4.20 -12.12
N GLN A 363 -32.24 3.42 -11.39
CA GLN A 363 -33.62 3.82 -11.01
C GLN A 363 -33.75 3.69 -9.48
N THR A 364 -33.37 2.55 -8.90
CA THR A 364 -33.64 2.23 -7.50
C THR A 364 -32.49 2.70 -6.61
N ALA A 365 -32.78 2.92 -5.32
CA ALA A 365 -31.75 3.28 -4.34
C ALA A 365 -30.61 2.26 -4.37
N GLN A 366 -30.98 0.97 -4.38
CA GLN A 366 -30.02 -0.14 -4.44
C GLN A 366 -29.12 -0.02 -5.68
N GLU A 367 -29.69 0.26 -6.85
CA GLU A 367 -28.86 0.43 -8.06
C GLU A 367 -27.86 1.57 -7.87
N MET A 368 -28.32 2.64 -7.23
CA MET A 368 -27.53 3.82 -7.00
C MET A 368 -26.38 3.58 -6.03
N PHE A 369 -26.60 2.96 -4.86
CA PHE A 369 -25.44 2.80 -3.96
C PHE A 369 -24.53 1.69 -4.49
N GLU A 370 -25.08 0.71 -5.22
CA GLU A 370 -24.23 -0.35 -5.83
C GLU A 370 -23.35 0.21 -6.97
N PHE A 371 -23.91 1.16 -7.76
CA PHE A 371 -23.13 1.91 -8.77
C PHE A 371 -21.93 2.58 -8.09
N GLN A 372 -22.19 3.32 -7.02
CA GLN A 372 -21.11 4.05 -6.36
C GLN A 372 -20.12 3.07 -5.70
N GLY A 373 -20.64 1.98 -5.12
CA GLY A 373 -19.81 0.87 -4.60
C GLY A 373 -18.84 0.34 -5.62
N SER A 374 -19.34 0.12 -6.84
CA SER A 374 -18.54 -0.45 -7.90
C SER A 374 -17.47 0.56 -8.37
N TYR A 375 -17.82 1.85 -8.40
CA TYR A 375 -16.85 2.94 -8.65
C TYR A 375 -15.72 2.92 -7.60
N ILE A 376 -16.08 2.83 -6.32
CA ILE A 376 -15.10 2.78 -5.24
C ILE A 376 -14.25 1.50 -5.35
N GLN A 377 -14.88 0.33 -5.63
CA GLN A 377 -14.12 -0.94 -5.79
C GLN A 377 -12.98 -0.77 -6.82
N HIS A 378 -13.29 -0.12 -7.94
CA HIS A 378 -12.33 0.14 -8.99
C HIS A 378 -11.14 0.97 -8.48
N LEU A 379 -11.42 2.01 -7.68
CA LEU A 379 -10.35 2.90 -7.17
C LEU A 379 -9.48 2.15 -6.15
N ILE A 380 -10.11 1.47 -5.21
CA ILE A 380 -9.34 0.87 -4.12
C ILE A 380 -8.48 -0.29 -4.63
N ASP A 381 -8.92 -0.97 -5.68
CA ASP A 381 -8.12 -2.07 -6.25
C ASP A 381 -6.84 -1.53 -6.90
N ALA A 382 -6.81 -0.24 -7.26
CA ALA A 382 -5.66 0.33 -7.98
C ALA A 382 -4.58 0.85 -7.03
N THR A 383 -4.82 0.86 -5.73
CA THR A 383 -3.80 1.42 -4.82
C THR A 383 -3.69 0.56 -3.57
N ASP A 384 -2.84 0.99 -2.65
CA ASP A 384 -2.62 0.29 -1.36
C ASP A 384 -3.68 0.67 -0.32
N TYR A 385 -4.72 1.44 -0.67
CA TYR A 385 -5.83 1.61 0.29
C TYR A 385 -6.44 0.23 0.50
N PRO A 386 -6.81 -0.16 1.74
CA PRO A 386 -7.28 -1.52 2.00
C PRO A 386 -8.55 -1.84 1.21
N SER A 387 -8.54 -2.95 0.46
CA SER A 387 -9.71 -3.37 -0.33
C SER A 387 -10.75 -4.02 0.58
N PHE A 388 -11.54 -3.18 1.27
CA PHE A 388 -12.67 -3.52 2.19
C PHE A 388 -13.92 -4.05 1.46
N ASP A 389 -14.89 -4.56 2.23
CA ASP A 389 -15.98 -5.41 1.69
C ASP A 389 -17.18 -4.56 1.26
N ILE A 390 -17.13 -4.11 0.00
CA ILE A 390 -18.11 -3.23 -0.67
C ILE A 390 -19.49 -3.89 -0.62
N GLN A 391 -19.53 -5.20 -0.87
CA GLN A 391 -20.78 -5.96 -0.93
C GLN A 391 -21.54 -5.89 0.41
N ALA A 392 -20.82 -6.04 1.52
CA ALA A 392 -21.41 -6.01 2.84
C ALA A 392 -21.83 -4.56 3.20
N VAL A 393 -21.07 -3.55 2.73
CA VAL A 393 -21.48 -2.17 2.96
C VAL A 393 -22.79 -1.93 2.20
N ASN A 394 -22.89 -2.41 0.96
CA ASN A 394 -24.10 -2.33 0.15
C ASN A 394 -25.27 -2.91 0.96
N GLU A 395 -25.07 -4.07 1.59
CA GLU A 395 -26.14 -4.74 2.30
C GLU A 395 -26.54 -3.91 3.53
N THR A 396 -25.59 -3.21 4.16
CA THR A 396 -25.89 -2.31 5.27
C THR A 396 -26.78 -1.16 4.77
N PHE A 397 -26.38 -0.49 3.69
CA PHE A 397 -27.18 0.56 3.08
C PHE A 397 -28.61 0.06 2.82
N LEU A 398 -28.74 -1.18 2.31
CA LEU A 398 -30.09 -1.80 2.02
C LEU A 398 -30.90 -1.90 3.31
N ALA A 399 -30.26 -2.37 4.38
CA ALA A 399 -30.90 -2.55 5.67
C ALA A 399 -31.33 -1.18 6.22
N TRP A 400 -30.46 -0.17 6.09
CA TRP A 400 -30.79 1.20 6.55
C TRP A 400 -32.04 1.74 5.82
N LYS A 401 -32.07 1.59 4.50
CA LYS A 401 -33.21 2.04 3.73
C LYS A 401 -34.49 1.39 4.28
N HIS A 402 -34.44 0.09 4.58
CA HIS A 402 -35.65 -0.58 5.08
C HIS A 402 -35.99 -0.05 6.49
N ASP A 403 -34.99 0.22 7.33
CA ASP A 403 -35.23 0.77 8.69
C ASP A 403 -35.96 2.13 8.62
N LYS A 404 -35.61 2.94 7.63
CA LYS A 404 -36.18 4.29 7.47
C LYS A 404 -37.65 4.16 7.05
N TYR A 405 -37.90 3.22 6.12
CA TYR A 405 -39.27 2.92 5.73
C TYR A 405 -40.10 2.50 6.95
N GLU A 406 -39.54 1.59 7.75
CA GLU A 406 -40.21 1.02 8.93
C GLU A 406 -40.63 2.13 9.90
N ASP A 407 -39.75 3.10 10.13
CA ASP A 407 -40.00 4.15 11.10
C ASP A 407 -39.00 5.28 10.89
N ILE A 408 -39.44 6.36 10.26
CA ILE A 408 -38.54 7.45 9.86
C ILE A 408 -38.00 8.16 11.12
N MET A 409 -38.68 8.03 12.27
CA MET A 409 -38.18 8.64 13.55
C MET A 409 -37.43 7.61 14.41
N GLY A 410 -37.30 6.35 13.97
CA GLY A 410 -36.70 5.25 14.81
C GLY A 410 -35.46 4.59 14.23
N TYR A 411 -35.18 4.85 12.95
CA TYR A 411 -34.08 4.21 12.23
C TYR A 411 -32.74 4.47 12.92
N ARG A 412 -32.57 5.62 13.59
CA ARG A 412 -31.25 5.94 14.23
C ARG A 412 -31.01 5.11 15.51
N ASN A 413 -32.01 4.33 15.94
CA ASN A 413 -31.87 3.50 17.16
C ASN A 413 -31.23 2.15 16.84
N LYS A 414 -31.11 1.81 15.55
CA LYS A 414 -30.64 0.49 15.12
C LYS A 414 -29.11 0.42 15.09
N CYS A 415 -28.61 -0.82 15.02
CA CYS A 415 -27.21 -1.18 15.22
C CYS A 415 -26.69 -2.01 14.03
N TYR A 416 -25.48 -1.68 13.56
CA TYR A 416 -24.89 -2.35 12.40
C TYR A 416 -23.45 -2.76 12.73
N ARG A 417 -22.95 -3.77 11.99
CA ARG A 417 -21.64 -4.34 12.23
C ARG A 417 -20.57 -3.63 11.38
N SER A 418 -19.43 -3.30 11.98
CA SER A 418 -18.34 -2.72 11.24
C SER A 418 -17.81 -3.75 10.25
N LEU A 419 -17.61 -3.28 9.04
CA LEU A 419 -17.10 -4.11 7.93
C LEU A 419 -15.58 -4.03 7.91
N MET A 420 -15.01 -3.21 8.78
CA MET A 420 -13.59 -3.13 8.91
C MET A 420 -13.11 -4.06 10.02
N THR A 421 -13.84 -4.13 11.14
CA THR A 421 -13.40 -4.89 12.28
C THR A 421 -14.36 -6.05 12.63
N GLY A 422 -15.60 -6.01 12.16
CA GLY A 422 -16.59 -7.02 12.51
C GLY A 422 -17.30 -6.74 13.82
N THR A 423 -16.97 -5.64 14.54
CA THR A 423 -17.66 -5.41 15.85
C THR A 423 -19.05 -4.79 15.61
N LEU A 424 -20.03 -5.35 16.31
CA LEU A 424 -21.38 -4.81 16.32
C LEU A 424 -21.42 -3.53 17.15
N ALA A 425 -22.05 -2.49 16.58
CA ALA A 425 -22.51 -1.30 17.30
C ALA A 425 -23.52 -1.72 18.37
N THR A 426 -23.42 -1.06 19.54
CA THR A 426 -24.25 -1.31 20.70
C THR A 426 -25.38 -0.29 20.73
N PRO A 427 -26.58 -0.67 21.20
CA PRO A 427 -27.68 0.27 21.36
C PRO A 427 -27.23 1.51 22.14
N HIS A 428 -27.70 2.68 21.70
CA HIS A 428 -27.48 3.93 22.42
C HIS A 428 -28.31 3.94 23.71
N HIS A 429 -27.90 4.75 24.68
CA HIS A 429 -28.53 4.79 26.01
C HIS A 429 -29.92 5.42 25.94
N THR A 430 -30.21 6.21 24.89
CA THR A 430 -31.46 6.93 24.83
C THR A 430 -31.97 6.86 23.40
N PRO A 431 -33.29 6.67 23.19
CA PRO A 431 -33.88 6.76 21.84
C PRO A 431 -33.74 8.15 21.19
N TRP A 432 -33.48 8.16 19.89
CA TRP A 432 -33.18 9.39 19.15
C TRP A 432 -34.14 10.51 19.53
N LEU A 433 -35.44 10.23 19.47
CA LEU A 433 -36.52 11.21 19.70
C LEU A 433 -36.40 11.91 21.06
N ASP A 434 -35.82 11.23 22.06
CA ASP A 434 -35.73 11.73 23.42
C ASP A 434 -34.31 12.21 23.74
N ALA A 435 -33.35 11.96 22.84
CA ALA A 435 -31.99 12.32 23.08
C ALA A 435 -31.79 13.78 22.65
N LEU A 436 -32.24 14.69 23.51
CA LEU A 436 -32.32 16.14 23.21
C LEU A 436 -30.92 16.79 23.21
N ASP A 437 -30.01 16.28 24.03
CA ASP A 437 -28.66 16.76 24.13
C ASP A 437 -27.78 16.15 23.04
N ASP A 438 -27.09 17.03 22.29
CA ASP A 438 -26.34 16.64 21.07
C ASP A 438 -24.84 16.51 21.37
N SER A 439 -24.40 16.73 22.62
CA SER A 439 -22.96 16.80 22.93
C SER A 439 -22.29 15.41 22.85
N LEU A 440 -20.98 15.45 22.56
CA LEU A 440 -20.10 14.28 22.59
C LEU A 440 -20.12 13.70 24.01
N GLU A 441 -20.03 14.58 25.02
CA GLU A 441 -20.03 14.15 26.44
C GLU A 441 -21.29 13.32 26.72
N ALA A 442 -22.46 13.87 26.40
CA ALA A 442 -23.74 13.23 26.72
C ALA A 442 -23.91 11.93 25.92
N TYR A 443 -23.32 11.86 24.72
CA TYR A 443 -23.50 10.66 23.88
C TYR A 443 -22.67 9.52 24.47
N LEU A 444 -21.38 9.79 24.70
CA LEU A 444 -20.46 8.86 25.37
C LEU A 444 -20.67 9.00 26.88
N THR B 3 36.44 -19.23 -28.38
CA THR B 3 36.58 -19.03 -26.90
C THR B 3 35.46 -19.74 -26.14
N ARG B 4 35.83 -20.21 -24.92
CA ARG B 4 35.00 -21.10 -24.07
C ARG B 4 34.90 -20.50 -22.66
N VAL B 5 33.67 -20.45 -22.14
CA VAL B 5 33.36 -19.98 -20.81
C VAL B 5 32.76 -21.14 -20.01
N ALA B 6 33.30 -21.39 -18.83
CA ALA B 6 32.72 -22.29 -17.88
C ALA B 6 31.91 -21.48 -16.86
N ILE B 7 30.73 -21.98 -16.53
CA ILE B 7 29.88 -21.39 -15.50
C ILE B 7 29.61 -22.47 -14.44
N ILE B 8 29.98 -22.16 -13.19
CA ILE B 8 29.76 -23.06 -12.10
C ILE B 8 28.43 -22.71 -11.46
N GLY B 9 27.42 -23.56 -11.69
CA GLY B 9 26.09 -23.41 -11.07
C GLY B 9 25.01 -22.91 -12.03
N ALA B 10 23.80 -23.44 -11.84
CA ALA B 10 22.59 -23.12 -12.61
C ALA B 10 21.47 -22.64 -11.68
N GLY B 11 21.93 -21.90 -10.66
CA GLY B 11 21.05 -21.05 -9.86
C GLY B 11 20.80 -19.73 -10.55
N PRO B 12 20.05 -18.81 -9.89
CA PRO B 12 19.79 -17.48 -10.47
C PRO B 12 21.02 -16.87 -11.15
N CYS B 13 22.19 -16.87 -10.48
CA CYS B 13 23.35 -16.27 -11.09
C CYS B 13 23.81 -16.98 -12.37
N GLY B 14 23.97 -18.29 -12.32
CA GLY B 14 24.44 -19.03 -13.50
C GLY B 14 23.46 -18.91 -14.68
N LEU B 15 22.16 -19.00 -14.39
CA LEU B 15 21.07 -18.81 -15.37
C LEU B 15 21.08 -17.37 -15.90
N ALA B 16 21.33 -16.36 -15.03
CA ALA B 16 21.49 -14.99 -15.51
C ALA B 16 22.67 -14.88 -16.50
N GLN B 17 23.75 -15.62 -16.23
CA GLN B 17 24.92 -15.53 -17.09
C GLN B 17 24.59 -16.13 -18.46
N LEU B 18 23.92 -17.28 -18.49
CA LEU B 18 23.45 -17.88 -19.74
C LEU B 18 22.47 -16.92 -20.44
N ARG B 19 21.51 -16.39 -19.69
CA ARG B 19 20.49 -15.47 -20.25
C ARG B 19 21.17 -14.25 -20.88
N ALA B 20 22.17 -13.67 -20.22
CA ALA B 20 22.88 -12.51 -20.70
C ALA B 20 23.51 -12.82 -22.07
N PHE B 21 24.24 -13.93 -22.18
CA PHE B 21 24.86 -14.31 -23.47
C PHE B 21 23.77 -14.52 -24.54
N GLN B 22 22.70 -15.22 -24.18
CA GLN B 22 21.65 -15.53 -25.15
C GLN B 22 20.98 -14.24 -25.64
N SER B 23 20.82 -13.24 -24.78
CA SER B 23 20.19 -11.98 -25.17
C SER B 23 21.07 -11.26 -26.18
N ALA B 24 22.39 -11.25 -25.97
CA ALA B 24 23.32 -10.67 -26.95
C ALA B 24 23.28 -11.45 -28.28
N ALA B 25 23.27 -12.79 -28.24
CA ALA B 25 23.18 -13.61 -29.47
C ALA B 25 21.86 -13.32 -30.24
N ALA B 26 20.76 -13.13 -29.52
CA ALA B 26 19.45 -12.90 -30.15
C ALA B 26 19.46 -11.59 -30.94
N LYS B 27 20.31 -10.61 -30.54
CA LYS B 27 20.43 -9.35 -31.27
C LYS B 27 21.59 -9.36 -32.26
N GLY B 28 22.14 -10.55 -32.58
CA GLY B 28 23.04 -10.75 -33.68
C GLY B 28 24.51 -10.91 -33.29
N ALA B 29 24.86 -10.83 -31.99
CA ALA B 29 26.28 -10.91 -31.54
C ALA B 29 26.75 -12.36 -31.53
N ALA B 30 28.00 -12.57 -31.98
CA ALA B 30 28.73 -13.80 -31.79
C ALA B 30 29.02 -13.93 -30.29
N ILE B 31 28.87 -15.15 -29.76
CA ILE B 31 29.15 -15.39 -28.35
C ILE B 31 30.06 -16.60 -28.25
N PRO B 32 30.80 -16.73 -27.13
CA PRO B 32 31.64 -17.90 -26.87
C PRO B 32 30.79 -19.16 -26.72
N GLU B 33 31.45 -20.30 -26.74
CA GLU B 33 30.91 -21.55 -26.30
C GLU B 33 30.75 -21.49 -24.77
N LEU B 34 29.61 -21.97 -24.28
CA LEU B 34 29.32 -21.95 -22.87
C LEU B 34 29.08 -23.37 -22.37
N VAL B 35 29.68 -23.69 -21.24
CA VAL B 35 29.39 -24.89 -20.49
C VAL B 35 29.10 -24.48 -19.05
N CYS B 36 27.89 -24.84 -18.61
CA CYS B 36 27.40 -24.61 -17.23
C CYS B 36 27.31 -25.94 -16.50
N PHE B 37 28.14 -26.06 -15.47
CA PHE B 37 28.19 -27.26 -14.69
C PHE B 37 27.27 -27.09 -13.48
N GLU B 38 26.37 -28.06 -13.27
CA GLU B 38 25.44 -28.04 -12.14
C GLU B 38 25.42 -29.39 -11.45
N LYS B 39 25.68 -29.41 -10.14
CA LYS B 39 25.77 -30.67 -9.39
C LYS B 39 24.40 -31.30 -9.12
N GLN B 40 23.35 -30.50 -9.04
CA GLN B 40 21.96 -31.04 -8.85
C GLN B 40 21.39 -31.53 -10.18
N SER B 41 20.21 -32.15 -10.14
CA SER B 41 19.62 -32.76 -11.35
C SER B 41 18.76 -31.78 -12.16
N ASP B 42 18.55 -30.55 -11.64
CA ASP B 42 17.74 -29.53 -12.30
C ASP B 42 18.22 -28.14 -11.86
N TRP B 43 17.79 -27.13 -12.63
CA TRP B 43 18.22 -25.78 -12.47
C TRP B 43 17.35 -25.08 -11.42
N GLY B 44 17.77 -23.87 -11.02
CA GLY B 44 17.08 -23.08 -10.04
C GLY B 44 17.86 -22.85 -8.76
N GLY B 45 18.94 -23.61 -8.53
CA GLY B 45 19.83 -23.27 -7.43
C GLY B 45 19.16 -23.47 -6.06
N MET B 46 19.30 -22.48 -5.18
CA MET B 46 18.67 -22.41 -3.88
C MET B 46 17.14 -22.59 -3.96
N TRP B 47 16.52 -22.25 -5.09
CA TRP B 47 15.06 -22.22 -5.23
C TRP B 47 14.50 -23.62 -5.54
N ASN B 48 15.39 -24.60 -5.69
CA ASN B 48 15.05 -26.00 -5.92
C ASN B 48 14.98 -26.65 -4.53
N TYR B 49 13.84 -27.21 -4.15
CA TYR B 49 13.71 -27.83 -2.84
C TYR B 49 14.22 -29.28 -2.87
N THR B 50 14.86 -29.69 -1.77
CA THR B 50 15.14 -31.12 -1.52
C THR B 50 14.81 -31.46 -0.06
N TRP B 51 14.23 -32.64 0.14
CA TRP B 51 14.04 -33.28 1.43
C TRP B 51 15.38 -33.69 2.04
N ARG B 52 16.43 -33.81 1.20
CA ARG B 52 17.72 -34.32 1.63
C ARG B 52 18.42 -33.29 2.52
N THR B 53 19.17 -33.81 3.50
CA THR B 53 19.99 -33.00 4.36
C THR B 53 21.41 -33.55 4.36
N GLY B 54 22.39 -32.69 4.69
CA GLY B 54 23.79 -33.12 4.91
C GLY B 54 24.54 -33.33 3.59
N VAL B 55 24.37 -34.50 2.99
CA VAL B 55 24.98 -34.79 1.68
C VAL B 55 23.90 -35.42 0.81
N ASP B 56 23.98 -35.17 -0.51
CA ASP B 56 23.01 -35.62 -1.48
C ASP B 56 23.27 -37.11 -1.75
N GLU B 57 22.58 -37.70 -2.72
CA GLU B 57 22.68 -39.16 -2.95
C GLU B 57 24.05 -39.56 -3.49
N HIS B 58 24.82 -38.61 -4.04
CA HIS B 58 26.17 -38.88 -4.59
C HIS B 58 27.29 -38.61 -3.58
N GLY B 59 26.96 -38.10 -2.38
CA GLY B 59 27.97 -37.81 -1.37
C GLY B 59 28.44 -36.37 -1.37
N GLU B 60 27.88 -35.53 -2.26
CA GLU B 60 28.21 -34.09 -2.29
C GLU B 60 27.48 -33.39 -1.17
N PRO B 61 28.03 -32.36 -0.48
CA PRO B 61 27.24 -31.53 0.42
C PRO B 61 25.95 -31.05 -0.23
N VAL B 62 24.84 -31.22 0.52
CA VAL B 62 23.53 -30.81 0.04
C VAL B 62 23.58 -29.29 -0.14
N HIS B 63 23.18 -28.81 -1.32
CA HIS B 63 23.21 -27.39 -1.59
C HIS B 63 22.05 -26.66 -0.91
N GLY B 64 20.87 -27.28 -0.95
CA GLY B 64 19.62 -26.63 -0.55
C GLY B 64 19.61 -26.25 0.91
N SER B 65 19.20 -24.99 1.15
CA SER B 65 18.89 -24.46 2.46
C SER B 65 17.39 -24.15 2.64
N MET B 66 16.58 -24.27 1.60
CA MET B 66 15.18 -23.95 1.72
C MET B 66 14.42 -25.12 2.33
N TYR B 67 13.34 -24.71 2.97
CA TYR B 67 12.45 -25.58 3.74
C TYR B 67 11.01 -25.53 3.21
N ARG B 68 10.26 -26.56 3.57
CA ARG B 68 8.80 -26.57 3.36
C ARG B 68 8.23 -25.24 3.87
N TYR B 69 7.30 -24.67 3.11
CA TYR B 69 6.51 -23.49 3.53
C TYR B 69 7.26 -22.18 3.38
N LEU B 70 8.44 -22.21 2.74
CA LEU B 70 9.18 -21.00 2.55
C LEU B 70 8.49 -20.16 1.49
N TRP B 71 8.33 -18.87 1.80
CA TRP B 71 7.87 -17.85 0.87
C TRP B 71 8.93 -16.75 0.78
N SER B 72 8.94 -16.04 -0.36
CA SER B 72 9.75 -14.82 -0.62
C SER B 72 9.76 -13.99 0.67
N ASN B 73 10.92 -13.53 1.12
CA ASN B 73 10.94 -12.81 2.41
C ASN B 73 11.03 -11.29 2.20
N GLY B 74 11.21 -10.90 0.94
CA GLY B 74 11.17 -9.53 0.44
C GLY B 74 10.10 -9.37 -0.62
N PRO B 75 9.68 -8.13 -0.97
CA PRO B 75 8.74 -7.98 -2.08
C PRO B 75 9.30 -8.55 -3.38
N LYS B 76 8.48 -9.33 -4.07
CA LYS B 76 8.87 -9.90 -5.38
C LYS B 76 9.18 -8.73 -6.31
N GLU B 77 8.58 -7.56 -6.07
CA GLU B 77 8.81 -6.36 -6.92
C GLU B 77 10.29 -5.90 -6.84
N CYS B 78 10.97 -6.15 -5.74
CA CYS B 78 12.38 -5.76 -5.62
C CYS B 78 13.31 -6.72 -6.37
N LEU B 79 12.84 -7.92 -6.73
CA LEU B 79 13.76 -8.87 -7.41
C LEU B 79 13.27 -9.17 -8.84
N GLU B 80 12.35 -8.37 -9.36
CA GLU B 80 11.80 -8.63 -10.70
C GLU B 80 12.89 -8.49 -11.76
N PHE B 81 12.96 -9.43 -12.68
CA PHE B 81 13.82 -9.33 -13.86
C PHE B 81 13.34 -8.17 -14.75
N ALA B 82 14.26 -7.29 -15.11
CA ALA B 82 13.91 -6.14 -15.96
C ALA B 82 13.56 -6.58 -17.38
N ASP B 83 13.90 -7.82 -17.79
CA ASP B 83 13.75 -8.28 -19.17
C ASP B 83 12.75 -9.42 -19.28
N TYR B 84 12.01 -9.63 -18.22
CA TYR B 84 11.06 -10.71 -18.11
C TYR B 84 10.23 -10.46 -16.85
N THR B 85 9.11 -9.76 -17.04
CA THR B 85 8.35 -9.20 -15.95
C THR B 85 7.44 -10.27 -15.36
N PHE B 86 6.95 -10.02 -14.16
CA PHE B 86 5.92 -10.88 -13.57
C PHE B 86 4.68 -10.89 -14.47
N ASP B 87 4.32 -9.73 -15.02
CA ASP B 87 3.14 -9.65 -15.92
C ASP B 87 3.33 -10.57 -17.14
N GLU B 88 4.50 -10.53 -17.78
CA GLU B 88 4.72 -11.42 -18.89
C GLU B 88 4.59 -12.88 -18.42
N HIS B 89 5.18 -13.23 -17.26
CA HIS B 89 5.26 -14.66 -16.85
C HIS B 89 3.88 -15.20 -16.45
N PHE B 90 3.20 -14.48 -15.56
CA PHE B 90 2.00 -14.97 -14.92
C PHE B 90 0.73 -14.55 -15.67
N GLY B 91 0.77 -13.47 -16.45
CA GLY B 91 -0.39 -12.98 -17.21
C GLY B 91 -1.44 -12.28 -16.35
N ARG B 92 -1.18 -12.07 -15.05
CA ARG B 92 -2.10 -11.49 -14.11
C ARG B 92 -1.33 -11.03 -12.87
N PRO B 93 -1.88 -10.10 -12.07
CA PRO B 93 -1.24 -9.69 -10.81
C PRO B 93 -1.34 -10.86 -9.84
N ILE B 94 -0.35 -10.99 -8.96
CA ILE B 94 -0.36 -11.97 -7.86
C ILE B 94 0.19 -11.23 -6.65
N GLY B 95 0.19 -11.91 -5.48
CA GLY B 95 0.74 -11.33 -4.25
C GLY B 95 2.22 -11.00 -4.36
N SER B 96 2.69 -10.24 -3.38
CA SER B 96 4.03 -9.70 -3.38
C SER B 96 5.04 -10.69 -2.75
N TYR B 97 4.55 -11.75 -2.09
CA TYR B 97 5.44 -12.68 -1.35
C TYR B 97 5.13 -14.12 -1.70
N PRO B 98 5.48 -14.54 -2.94
CA PRO B 98 5.11 -15.88 -3.40
C PRO B 98 5.88 -17.02 -2.72
N PRO B 99 5.24 -18.17 -2.48
CA PRO B 99 5.96 -19.39 -2.11
C PRO B 99 7.11 -19.70 -3.07
N ARG B 100 8.08 -20.42 -2.53
CA ARG B 100 9.27 -20.82 -3.29
C ARG B 100 8.88 -21.33 -4.68
N GLU B 101 7.95 -22.26 -4.75
CA GLU B 101 7.62 -22.92 -5.99
C GLU B 101 7.20 -21.91 -7.07
N VAL B 102 6.54 -20.83 -6.66
CA VAL B 102 6.04 -19.82 -7.57
C VAL B 102 7.21 -19.01 -8.13
N LEU B 103 8.16 -18.61 -7.28
CA LEU B 103 9.29 -17.87 -7.78
C LEU B 103 10.24 -18.79 -8.57
N TRP B 104 10.31 -20.07 -8.23
CA TRP B 104 11.09 -21.06 -9.01
C TRP B 104 10.53 -21.11 -10.44
N ASP B 105 9.19 -21.18 -10.52
CA ASP B 105 8.49 -21.19 -11.80
C ASP B 105 8.86 -19.95 -12.64
N TYR B 106 8.94 -18.79 -12.00
CA TYR B 106 9.31 -17.53 -12.67
C TYR B 106 10.73 -17.57 -13.21
N ILE B 107 11.67 -17.95 -12.34
CA ILE B 107 13.09 -18.05 -12.67
C ILE B 107 13.26 -18.94 -13.90
N LYS B 108 12.64 -20.12 -13.82
CA LYS B 108 12.64 -21.12 -14.92
C LYS B 108 12.01 -20.57 -16.19
N GLY B 109 10.86 -19.89 -16.05
CA GLY B 109 10.14 -19.36 -17.20
C GLY B 109 11.05 -18.54 -18.10
N ARG B 110 11.97 -17.75 -17.50
CA ARG B 110 12.83 -16.88 -18.31
C ARG B 110 13.81 -17.72 -19.13
N VAL B 111 14.44 -18.71 -18.48
CA VAL B 111 15.46 -19.52 -19.16
C VAL B 111 14.82 -20.59 -20.06
N GLU B 112 13.58 -21.02 -19.81
CA GLU B 112 12.80 -21.85 -20.80
C GLU B 112 12.61 -21.01 -22.08
N LYS B 113 12.16 -19.76 -21.92
CA LYS B 113 11.96 -18.86 -23.06
C LYS B 113 13.30 -18.66 -23.81
N ALA B 114 14.38 -18.43 -23.06
CA ALA B 114 15.69 -18.16 -23.62
C ALA B 114 16.26 -19.40 -24.35
N GLY B 115 15.79 -20.59 -24.01
CA GLY B 115 16.25 -21.83 -24.64
C GLY B 115 17.68 -22.18 -24.28
N VAL B 116 18.15 -21.84 -23.06
CA VAL B 116 19.59 -22.03 -22.66
C VAL B 116 19.83 -23.35 -21.94
N ARG B 117 18.79 -24.19 -21.75
CA ARG B 117 18.96 -25.43 -21.00
C ARG B 117 20.09 -26.30 -21.57
N ASP B 118 20.29 -26.28 -22.89
CA ASP B 118 21.22 -27.22 -23.54
C ASP B 118 22.69 -26.90 -23.21
N TYR B 119 22.96 -25.73 -22.61
CA TYR B 119 24.33 -25.38 -22.22
C TYR B 119 24.73 -26.06 -20.91
N ILE B 120 23.75 -26.60 -20.20
CA ILE B 120 23.95 -27.06 -18.85
C ILE B 120 24.22 -28.55 -18.86
N ARG B 121 25.23 -28.94 -18.10
CA ARG B 121 25.53 -30.32 -17.72
C ARG B 121 25.15 -30.55 -16.24
N PHE B 122 24.02 -31.24 -16.03
CA PHE B 122 23.49 -31.52 -14.71
C PHE B 122 24.19 -32.74 -14.10
N ASN B 123 23.94 -32.97 -12.81
CA ASN B 123 24.55 -34.07 -12.08
C ASN B 123 26.10 -34.05 -12.19
N THR B 124 26.70 -32.84 -12.31
CA THR B 124 28.15 -32.69 -12.53
C THR B 124 28.68 -31.66 -11.52
N ALA B 125 29.54 -32.13 -10.61
CA ALA B 125 30.14 -31.32 -9.52
C ALA B 125 31.53 -30.88 -9.94
N VAL B 126 31.78 -29.58 -9.92
CA VAL B 126 33.12 -29.10 -10.12
C VAL B 126 33.96 -29.47 -8.91
N ARG B 127 35.11 -30.10 -9.19
CA ARG B 127 36.05 -30.60 -8.16
C ARG B 127 37.32 -29.75 -8.04
N GLN B 128 37.86 -29.26 -9.17
CA GLN B 128 39.09 -28.53 -9.14
C GLN B 128 39.14 -27.55 -10.31
N VAL B 129 39.76 -26.41 -10.04
CA VAL B 129 40.13 -25.44 -11.07
C VAL B 129 41.60 -25.07 -10.87
N SER B 130 42.33 -25.00 -11.99
CA SER B 130 43.67 -24.51 -12.03
C SER B 130 43.82 -23.60 -13.24
N TYR B 131 44.88 -22.78 -13.23
CA TYR B 131 45.12 -21.80 -14.32
C TYR B 131 46.55 -21.95 -14.83
N ASP B 132 46.70 -21.93 -16.15
CA ASP B 132 48.03 -22.00 -16.80
C ASP B 132 48.39 -20.64 -17.39
N GLU B 133 49.53 -20.06 -16.93
CA GLU B 133 49.96 -18.71 -17.35
C GLU B 133 50.19 -18.64 -18.86
N THR B 134 50.95 -19.60 -19.41
CA THR B 134 51.38 -19.40 -20.81
C THR B 134 50.22 -19.63 -21.78
N SER B 135 49.32 -20.60 -21.56
CA SER B 135 48.12 -20.84 -22.42
C SER B 135 46.98 -19.84 -22.12
N GLY B 136 46.98 -19.26 -20.91
CA GLY B 136 45.90 -18.43 -20.41
C GLY B 136 44.62 -19.21 -20.23
N LEU B 137 44.72 -20.52 -19.98
CA LEU B 137 43.51 -21.39 -19.86
C LEU B 137 43.34 -21.89 -18.41
N PHE B 138 42.07 -21.95 -17.98
CA PHE B 138 41.65 -22.66 -16.77
C PHE B 138 41.40 -24.13 -17.14
N SER B 139 41.90 -25.06 -16.32
CA SER B 139 41.51 -26.46 -16.38
C SER B 139 40.42 -26.69 -15.31
N VAL B 140 39.26 -27.18 -15.76
CA VAL B 140 38.15 -27.37 -14.88
C VAL B 140 37.91 -28.87 -14.82
N THR B 141 38.14 -29.46 -13.64
CA THR B 141 37.94 -30.89 -13.39
C THR B 141 36.60 -31.09 -12.66
N VAL B 142 35.76 -31.99 -13.22
CA VAL B 142 34.38 -32.23 -12.73
C VAL B 142 34.12 -33.74 -12.54
N GLN B 143 33.18 -34.04 -11.65
CA GLN B 143 32.72 -35.42 -11.45
C GLN B 143 31.33 -35.53 -12.06
N ASP B 144 31.21 -36.27 -13.14
CA ASP B 144 29.94 -36.52 -13.75
C ASP B 144 29.29 -37.72 -13.04
N HIS B 145 28.29 -37.41 -12.21
CA HIS B 145 27.65 -38.41 -11.36
C HIS B 145 26.75 -39.35 -12.16
N SER B 146 26.31 -38.96 -13.36
CA SER B 146 25.45 -39.82 -14.21
C SER B 146 26.23 -41.04 -14.70
N ASN B 147 27.50 -40.82 -15.06
CA ASN B 147 28.41 -41.82 -15.65
C ASN B 147 29.54 -42.20 -14.68
N ASN B 148 29.52 -41.68 -13.45
CA ASN B 148 30.59 -41.87 -12.44
C ASN B 148 31.95 -41.79 -13.14
N ARG B 149 32.18 -40.68 -13.87
CA ARG B 149 33.49 -40.40 -14.41
C ARG B 149 33.94 -38.98 -14.03
N VAL B 150 35.26 -38.82 -13.92
CA VAL B 150 35.88 -37.53 -13.71
C VAL B 150 36.56 -37.15 -15.01
N TYR B 151 36.37 -35.90 -15.46
CA TYR B 151 37.00 -35.42 -16.67
C TYR B 151 37.36 -33.95 -16.49
N THR B 152 38.28 -33.45 -17.33
CA THR B 152 38.65 -32.03 -17.31
C THR B 152 38.66 -31.45 -18.71
N GLU B 153 38.25 -30.17 -18.77
CA GLU B 153 38.27 -29.38 -19.97
C GLU B 153 38.91 -28.02 -19.65
N THR B 154 39.37 -27.34 -20.70
CA THR B 154 40.00 -26.03 -20.55
C THR B 154 39.02 -24.95 -21.03
N PHE B 155 39.16 -23.78 -20.42
CA PHE B 155 38.28 -22.67 -20.68
C PHE B 155 39.10 -21.37 -20.60
N ASP B 156 38.69 -20.39 -21.40
CA ASP B 156 39.27 -19.04 -21.37
C ASP B 156 38.80 -18.26 -20.11
N TYR B 157 37.57 -18.51 -19.67
CA TYR B 157 36.97 -17.81 -18.54
C TYR B 157 36.27 -18.82 -17.64
N VAL B 158 36.29 -18.54 -16.34
CA VAL B 158 35.49 -19.29 -15.36
C VAL B 158 34.63 -18.29 -14.58
N VAL B 159 33.31 -18.54 -14.62
CA VAL B 159 32.34 -17.76 -13.88
C VAL B 159 31.81 -18.62 -12.71
N ASN B 160 32.22 -18.26 -11.49
CA ASN B 160 31.83 -18.99 -10.29
C ASN B 160 30.50 -18.44 -9.78
N ALA B 161 29.42 -19.23 -9.95
CA ALA B 161 28.07 -18.86 -9.52
C ALA B 161 27.55 -19.93 -8.54
N CYS B 162 28.39 -20.32 -7.59
CA CYS B 162 28.16 -21.47 -6.74
C CYS B 162 27.47 -21.08 -5.41
N GLY B 163 27.25 -19.78 -5.17
CA GLY B 163 26.47 -19.35 -4.03
C GLY B 163 27.31 -19.25 -2.78
N HIS B 164 26.78 -18.62 -1.73
CA HIS B 164 27.46 -18.54 -0.42
C HIS B 164 26.48 -18.72 0.76
N PHE B 165 25.37 -19.42 0.55
CA PHE B 165 24.37 -19.62 1.59
C PHE B 165 24.02 -21.12 1.69
N SER B 166 25.03 -21.99 1.47
CA SER B 166 24.85 -23.46 1.53
C SER B 166 25.82 -24.12 2.51
N THR B 167 27.03 -23.58 2.69
CA THR B 167 27.95 -24.15 3.68
C THR B 167 27.76 -23.45 5.01
N PRO B 168 27.24 -24.13 6.06
CA PRO B 168 26.86 -23.48 7.29
C PRO B 168 28.05 -22.96 8.09
N ASN B 169 27.85 -21.81 8.73
CA ASN B 169 28.59 -21.40 9.90
C ASN B 169 27.87 -21.97 11.13
N THR B 170 28.50 -22.92 11.82
CA THR B 170 27.90 -23.66 12.94
C THR B 170 28.82 -23.60 14.16
N PRO B 171 28.72 -22.51 14.94
CA PRO B 171 29.53 -22.38 16.15
C PRO B 171 29.10 -23.40 17.22
N TYR B 172 30.08 -23.95 17.93
CA TYR B 172 29.83 -24.73 19.13
C TYR B 172 29.39 -23.83 20.29
N PHE B 173 28.45 -24.31 21.09
CA PHE B 173 28.15 -23.74 22.39
C PHE B 173 28.34 -24.84 23.42
N GLU B 174 28.93 -24.46 24.55
CA GLU B 174 29.17 -25.39 25.68
C GLU B 174 27.96 -26.29 25.89
N GLY B 175 28.17 -27.61 25.83
CA GLY B 175 27.16 -28.53 26.20
C GLY B 175 26.42 -29.17 25.03
N PHE B 176 26.66 -28.72 23.79
CA PHE B 176 25.93 -29.30 22.68
C PHE B 176 26.01 -30.83 22.69
N GLU B 177 27.16 -31.37 23.09
CA GLU B 177 27.40 -32.80 23.10
C GLU B 177 26.69 -33.52 24.26
N ARG B 178 26.08 -32.77 25.19
CA ARG B 178 25.31 -33.33 26.33
C ARG B 178 23.79 -33.27 26.07
N PHE B 179 23.36 -32.35 25.19
CA PHE B 179 21.97 -32.02 24.95
C PHE B 179 21.26 -33.20 24.31
N GLY B 180 20.04 -33.49 24.81
CA GLY B 180 19.31 -34.67 24.40
C GLY B 180 18.42 -34.48 23.19
N GLY B 181 18.14 -33.22 22.83
CA GLY B 181 17.27 -32.91 21.68
C GLY B 181 18.08 -32.69 20.40
N ARG B 182 17.38 -32.52 19.27
CA ARG B 182 18.05 -32.32 17.99
C ARG B 182 18.85 -31.00 18.00
N VAL B 183 20.13 -31.05 17.55
CA VAL B 183 20.87 -29.85 17.24
C VAL B 183 21.11 -29.81 15.72
N LEU B 184 20.73 -28.70 15.10
CA LEU B 184 20.82 -28.60 13.65
C LEU B 184 21.12 -27.14 13.29
N HIS B 185 21.58 -26.94 12.05
CA HIS B 185 21.69 -25.61 11.46
C HIS B 185 20.42 -25.35 10.65
N ALA B 186 20.12 -24.06 10.44
CA ALA B 186 19.09 -23.61 9.49
C ALA B 186 19.16 -24.40 8.16
N HIS B 187 20.37 -24.68 7.68
CA HIS B 187 20.61 -25.39 6.42
C HIS B 187 19.92 -26.77 6.36
N ASP B 188 19.63 -27.34 7.53
CA ASP B 188 19.10 -28.70 7.69
C ASP B 188 17.59 -28.69 8.01
N PHE B 189 17.03 -27.51 8.30
CA PHE B 189 15.62 -27.36 8.63
C PHE B 189 14.79 -27.67 7.38
N ARG B 190 13.83 -28.57 7.50
CA ARG B 190 13.02 -28.97 6.31
C ARG B 190 11.53 -28.73 6.58
N ASP B 191 10.92 -29.50 7.47
CA ASP B 191 9.48 -29.36 7.72
C ASP B 191 9.31 -28.90 9.15
N ALA B 192 8.73 -27.70 9.32
CA ALA B 192 8.45 -27.12 10.62
C ALA B 192 7.53 -28.00 11.48
N LEU B 193 6.77 -28.92 10.84
CA LEU B 193 5.86 -29.84 11.58
C LEU B 193 6.66 -30.78 12.47
N GLU B 194 7.95 -31.00 12.15
CA GLU B 194 8.86 -31.79 13.01
C GLU B 194 8.86 -31.18 14.43
N PHE B 195 8.57 -29.87 14.53
CA PHE B 195 8.74 -29.18 15.84
C PHE B 195 7.39 -28.80 16.43
N LYS B 196 6.29 -29.37 15.87
CA LYS B 196 4.93 -29.12 16.40
C LYS B 196 4.93 -29.48 17.88
N ASP B 197 4.38 -28.59 18.72
CA ASP B 197 4.24 -28.81 20.16
C ASP B 197 5.58 -29.04 20.84
N LYS B 198 6.67 -28.53 20.25
CA LYS B 198 7.93 -28.56 20.95
C LYS B 198 8.36 -27.12 21.26
N ASP B 199 9.25 -27.02 22.25
CA ASP B 199 9.92 -25.79 22.63
C ASP B 199 11.27 -25.69 21.89
N ILE B 200 11.36 -24.76 20.93
CA ILE B 200 12.55 -24.66 20.07
C ILE B 200 13.32 -23.38 20.42
N LEU B 201 14.64 -23.42 20.17
CA LEU B 201 15.55 -22.29 20.32
C LEU B 201 16.21 -22.03 18.96
N VAL B 202 16.15 -20.78 18.53
CA VAL B 202 16.83 -20.33 17.29
C VAL B 202 17.94 -19.39 17.72
N VAL B 203 19.17 -19.67 17.31
CA VAL B 203 20.34 -18.84 17.65
C VAL B 203 20.60 -17.95 16.45
N GLY B 204 20.53 -16.64 16.66
CA GLY B 204 20.77 -15.70 15.57
C GLY B 204 19.78 -14.56 15.58
N SER B 205 20.03 -13.56 14.75
CA SER B 205 19.18 -12.35 14.72
C SER B 205 19.02 -11.78 13.31
N SER B 206 19.10 -12.65 12.28
CA SER B 206 18.90 -12.22 10.93
C SER B 206 17.69 -13.00 10.34
N TYR B 207 17.65 -13.05 9.01
CA TYR B 207 16.50 -13.54 8.28
C TYR B 207 16.16 -14.99 8.66
N SER B 208 17.16 -15.86 8.82
CA SER B 208 16.89 -17.26 9.08
C SER B 208 16.24 -17.37 10.46
N ALA B 209 16.74 -16.62 11.43
CA ALA B 209 16.18 -16.66 12.79
C ALA B 209 14.76 -16.12 12.75
N GLU B 210 14.56 -14.96 12.13
CA GLU B 210 13.23 -14.36 11.98
C GLU B 210 12.29 -15.40 11.39
N ASP B 211 12.66 -15.97 10.23
CA ASP B 211 11.69 -16.77 9.46
C ASP B 211 11.53 -18.20 10.01
N ILE B 212 12.58 -18.89 10.43
CA ILE B 212 12.44 -20.25 10.94
C ILE B 212 11.62 -20.19 12.23
N GLY B 213 11.91 -19.22 13.11
CA GLY B 213 11.05 -18.93 14.24
C GLY B 213 9.60 -18.76 13.84
N SER B 214 9.36 -18.01 12.76
CA SER B 214 8.01 -17.69 12.31
C SER B 214 7.31 -18.94 11.73
N GLN B 215 8.04 -19.81 11.05
CA GLN B 215 7.45 -21.08 10.56
C GLN B 215 7.07 -21.96 11.75
N CYS B 216 7.94 -22.05 12.75
CA CYS B 216 7.69 -22.83 13.92
C CYS B 216 6.43 -22.26 14.61
N TYR B 217 6.34 -20.94 14.71
CA TYR B 217 5.12 -20.31 15.24
C TYR B 217 3.88 -20.73 14.44
N LYS B 218 3.91 -20.46 13.14
CA LYS B 218 2.79 -20.71 12.24
C LYS B 218 2.36 -22.19 12.28
N TYR B 219 3.29 -23.14 12.43
CA TYR B 219 2.98 -24.57 12.28
C TYR B 219 2.90 -25.25 13.65
N GLY B 220 2.77 -24.44 14.70
CA GLY B 220 2.25 -24.92 16.01
C GLY B 220 3.32 -25.44 16.96
N ALA B 221 4.56 -24.95 16.86
CA ALA B 221 5.53 -25.12 17.96
C ALA B 221 4.85 -24.64 19.24
N ARG B 222 5.21 -25.27 20.36
CA ARG B 222 4.73 -24.86 21.68
C ARG B 222 5.31 -23.48 22.05
N SER B 223 6.59 -23.26 21.78
CA SER B 223 7.22 -21.97 22.11
C SER B 223 8.49 -21.79 21.29
N ILE B 224 8.84 -20.52 21.04
CA ILE B 224 10.01 -20.13 20.32
C ILE B 224 10.81 -19.28 21.29
N THR B 225 12.10 -19.62 21.48
CA THR B 225 12.97 -18.63 22.05
C THR B 225 14.12 -18.41 21.08
N SER B 226 14.45 -17.13 20.89
CA SER B 226 15.48 -16.70 19.97
C SER B 226 16.55 -16.04 20.82
N CYS B 227 17.81 -16.16 20.41
CA CYS B 227 18.86 -15.48 21.18
C CYS B 227 19.84 -14.82 20.23
N TYR B 228 20.33 -13.65 20.64
CA TYR B 228 21.11 -12.76 19.78
C TYR B 228 22.50 -12.60 20.38
N ARG B 229 23.47 -12.25 19.51
CA ARG B 229 24.84 -12.05 19.91
C ARG B 229 25.05 -10.61 20.41
N SER B 230 24.68 -9.61 19.61
CA SER B 230 24.96 -8.18 19.93
C SER B 230 23.67 -7.40 20.16
N ALA B 231 22.61 -7.62 19.38
CA ALA B 231 21.38 -6.85 19.63
C ALA B 231 20.16 -7.63 19.17
N PRO B 232 19.01 -7.42 19.85
CA PRO B 232 17.77 -8.12 19.52
C PRO B 232 17.27 -7.72 18.13
N MET B 233 16.48 -8.62 17.54
CA MET B 233 15.82 -8.37 16.29
C MET B 233 14.83 -7.22 16.50
N GLY B 234 14.15 -7.22 17.66
CA GLY B 234 13.42 -6.02 18.13
C GLY B 234 11.97 -5.93 17.66
N TYR B 235 11.48 -6.95 16.96
CA TYR B 235 10.08 -7.05 16.57
C TYR B 235 9.20 -7.38 17.77
N GLN B 236 7.92 -7.08 17.62
CA GLN B 236 6.88 -7.46 18.56
C GLN B 236 6.45 -8.89 18.21
N TRP B 237 7.00 -9.87 18.94
CA TRP B 237 6.79 -11.28 18.66
C TRP B 237 5.50 -11.75 19.32
N PRO B 238 4.91 -12.89 18.90
CA PRO B 238 3.76 -13.47 19.59
C PRO B 238 4.03 -13.89 21.05
N GLN B 239 2.95 -14.15 21.76
CA GLN B 239 2.94 -14.47 23.19
C GLN B 239 3.92 -15.60 23.51
N ASN B 240 3.98 -16.65 22.68
CA ASN B 240 4.80 -17.84 22.96
C ASN B 240 6.23 -17.69 22.38
N TRP B 241 6.68 -16.45 22.16
CA TRP B 241 8.03 -16.20 21.63
C TRP B 241 8.77 -15.26 22.57
N GLU B 242 9.96 -15.67 23.04
CA GLU B 242 10.77 -14.82 23.87
C GLU B 242 12.15 -14.63 23.22
N GLU B 243 12.62 -13.37 23.16
CA GLU B 243 13.97 -13.01 22.71
C GLU B 243 14.90 -12.88 23.92
N LYS B 244 16.08 -13.52 23.86
CA LYS B 244 17.05 -13.54 24.99
C LYS B 244 18.44 -13.17 24.49
N PRO B 245 19.33 -12.66 25.37
CA PRO B 245 20.75 -12.50 25.02
C PRO B 245 21.45 -13.87 24.92
N LEU B 246 22.71 -13.83 24.49
CA LEU B 246 23.38 -14.99 23.93
C LEU B 246 23.29 -16.20 24.88
N LEU B 247 22.99 -17.34 24.26
CA LEU B 247 23.19 -18.67 24.85
C LEU B 247 24.62 -18.81 25.41
N GLN B 248 24.71 -19.37 26.60
CA GLN B 248 26.01 -19.61 27.30
C GLN B 248 26.30 -21.10 27.29
N ARG B 249 25.33 -21.92 27.66
CA ARG B 249 25.52 -23.37 27.65
C ARG B 249 24.18 -24.07 27.67
N VAL B 250 24.22 -25.38 27.45
CA VAL B 250 23.02 -26.24 27.50
C VAL B 250 23.44 -27.50 28.24
N ASP B 251 22.49 -28.11 28.92
CA ASP B 251 22.72 -29.39 29.62
C ASP B 251 21.91 -30.45 28.88
N SER B 252 21.51 -31.50 29.57
CA SER B 252 20.80 -32.54 28.87
C SER B 252 19.45 -32.03 28.34
N ASP B 253 18.85 -30.95 28.90
CA ASP B 253 17.52 -30.53 28.36
C ASP B 253 17.23 -29.03 28.47
N THR B 254 18.17 -28.23 28.98
CA THR B 254 17.86 -26.88 29.41
C THR B 254 18.95 -25.92 28.90
N ALA B 255 18.53 -24.80 28.29
CA ALA B 255 19.45 -23.80 27.78
C ALA B 255 19.61 -22.69 28.82
N TRP B 256 20.83 -22.16 28.92
CA TRP B 256 21.23 -21.11 29.89
C TRP B 256 21.76 -19.88 29.14
N PHE B 257 21.25 -18.69 29.43
CA PHE B 257 21.54 -17.50 28.60
C PHE B 257 22.37 -16.49 29.39
N ALA B 258 22.85 -15.43 28.71
CA ALA B 258 23.64 -14.35 29.34
C ALA B 258 22.81 -13.64 30.44
N ASP B 259 21.48 -13.65 30.37
CA ASP B 259 20.56 -13.10 31.39
C ASP B 259 20.73 -13.87 32.73
N GLY B 260 21.21 -15.12 32.70
CA GLY B 260 21.09 -16.06 33.83
C GLY B 260 19.79 -16.85 33.77
N SER B 261 18.88 -16.48 32.85
CA SER B 261 17.63 -17.23 32.62
C SER B 261 17.92 -18.62 32.05
N HIS B 262 16.91 -19.49 32.10
CA HIS B 262 17.00 -20.80 31.49
C HIS B 262 15.68 -21.11 30.80
N LYS B 263 15.73 -22.03 29.85
CA LYS B 263 14.52 -22.55 29.24
C LYS B 263 14.77 -24.01 28.88
N ARG B 264 13.83 -24.85 29.29
CA ARG B 264 13.83 -26.22 28.86
C ARG B 264 13.47 -26.19 27.36
N ILE B 265 14.26 -26.89 26.54
CA ILE B 265 14.12 -26.85 25.08
C ILE B 265 14.24 -28.27 24.52
N ASP B 266 13.52 -28.53 23.42
CA ASP B 266 13.56 -29.81 22.75
C ASP B 266 14.52 -29.80 21.55
N ALA B 267 14.74 -28.63 20.95
CA ALA B 267 15.60 -28.52 19.74
C ALA B 267 16.26 -27.14 19.66
N ILE B 268 17.47 -27.16 19.10
CA ILE B 268 18.27 -25.97 18.91
C ILE B 268 18.56 -25.86 17.41
N ILE B 269 18.18 -24.71 16.81
CA ILE B 269 18.44 -24.39 15.41
C ILE B 269 19.39 -23.19 15.32
N LEU B 270 20.61 -23.44 14.84
CA LEU B 270 21.60 -22.41 14.65
C LEU B 270 21.28 -21.69 13.33
N CYS B 271 20.84 -20.44 13.48
CA CYS B 271 20.56 -19.57 12.40
C CYS B 271 21.71 -18.54 12.32
N THR B 272 22.91 -19.10 12.31
CA THR B 272 24.19 -18.36 12.43
C THR B 272 24.86 -18.06 11.10
N GLY B 273 24.15 -18.16 9.99
CA GLY B 273 24.77 -17.77 8.72
C GLY B 273 25.57 -18.86 8.06
N TYR B 274 26.21 -18.47 6.97
CA TYR B 274 26.92 -19.40 6.08
C TYR B 274 28.34 -18.89 5.78
N GLN B 275 29.10 -19.74 5.13
CA GLN B 275 30.52 -19.46 4.80
C GLN B 275 30.73 -19.42 3.28
N HIS B 276 31.64 -18.56 2.84
CA HIS B 276 32.13 -18.56 1.45
C HIS B 276 33.13 -19.71 1.39
N HIS B 277 32.77 -20.81 0.73
CA HIS B 277 33.51 -22.06 0.76
C HIS B 277 33.63 -22.59 -0.68
N PHE B 278 34.87 -22.62 -1.16
CA PHE B 278 35.18 -23.01 -2.53
C PHE B 278 36.25 -24.10 -2.48
N PRO B 279 35.90 -25.35 -2.11
CA PRO B 279 36.92 -26.38 -1.92
C PRO B 279 37.54 -26.81 -3.27
N PHE B 280 36.95 -26.36 -4.38
CA PHE B 280 37.43 -26.69 -5.73
C PHE B 280 38.46 -25.66 -6.24
N LEU B 281 38.86 -24.67 -5.43
CA LEU B 281 39.71 -23.57 -5.87
C LEU B 281 41.06 -23.61 -5.12
N PRO B 282 42.17 -23.32 -5.82
CA PRO B 282 43.45 -23.13 -5.15
C PRO B 282 43.47 -21.75 -4.49
N ASP B 283 44.40 -21.54 -3.56
CA ASP B 283 44.48 -20.29 -2.83
C ASP B 283 44.61 -19.07 -3.77
N SER B 284 45.34 -19.22 -4.88
CA SER B 284 45.57 -18.14 -5.85
C SER B 284 44.25 -17.59 -6.44
N LEU B 285 43.14 -18.36 -6.36
CA LEU B 285 41.83 -17.99 -7.00
C LEU B 285 40.72 -17.85 -5.95
N ARG B 286 41.05 -18.16 -4.70
CA ARG B 286 40.04 -18.30 -3.62
C ARG B 286 39.67 -17.01 -2.89
N LEU B 287 38.45 -16.54 -3.12
CA LEU B 287 37.85 -15.45 -2.36
C LEU B 287 37.67 -15.89 -0.91
N ILE B 288 38.19 -15.05 0.00
CA ILE B 288 38.02 -15.21 1.43
C ILE B 288 37.33 -13.94 1.93
N THR B 289 36.09 -14.09 2.44
CA THR B 289 35.30 -12.92 2.87
C THR B 289 34.24 -13.36 3.87
N GLU B 290 33.88 -12.43 4.78
CA GLU B 290 32.65 -12.52 5.57
C GLU B 290 31.48 -12.12 4.63
N ASN B 291 30.26 -12.47 5.02
CA ASN B 291 29.05 -12.06 4.32
C ASN B 291 28.84 -10.55 4.49
N ARG B 292 28.95 -9.78 3.39
CA ARG B 292 28.94 -8.34 3.48
C ARG B 292 28.58 -7.74 2.11
N LEU B 293 28.34 -6.43 2.06
CA LEU B 293 27.93 -5.77 0.82
C LEU B 293 29.13 -5.61 -0.12
N TRP B 294 30.34 -5.46 0.44
CA TRP B 294 31.54 -5.20 -0.39
C TRP B 294 32.75 -6.01 0.05
N PRO B 295 32.80 -7.30 -0.37
CA PRO B 295 34.04 -8.07 -0.32
C PRO B 295 35.11 -7.42 -1.19
N LEU B 296 36.34 -7.40 -0.68
CA LEU B 296 37.53 -6.94 -1.45
C LEU B 296 37.92 -7.98 -2.51
N LYS B 297 38.81 -7.54 -3.42
CA LYS B 297 39.48 -8.35 -4.44
C LYS B 297 38.51 -8.72 -5.59
N LEU B 298 37.32 -8.09 -5.61
CA LEU B 298 36.38 -8.31 -6.67
C LEU B 298 36.16 -6.97 -7.36
N TYR B 299 36.76 -6.80 -8.55
CA TYR B 299 36.60 -5.60 -9.30
C TYR B 299 35.18 -5.54 -9.87
N LYS B 300 34.50 -4.40 -9.61
CA LYS B 300 33.09 -4.22 -9.88
C LYS B 300 32.26 -5.30 -9.19
N GLY B 301 32.80 -5.83 -8.08
CA GLY B 301 32.22 -6.90 -7.27
C GLY B 301 32.17 -8.23 -8.01
N ILE B 302 32.99 -8.38 -9.08
CA ILE B 302 32.87 -9.52 -10.01
C ILE B 302 34.23 -10.18 -10.36
N PHE B 303 35.17 -9.37 -10.88
CA PHE B 303 36.41 -9.90 -11.45
C PHE B 303 37.46 -10.06 -10.35
N TRP B 304 37.93 -11.30 -10.21
CA TRP B 304 39.01 -11.59 -9.25
C TRP B 304 40.27 -10.78 -9.58
N GLU B 305 40.78 -9.97 -8.63
CA GLU B 305 41.69 -8.93 -9.06
C GLU B 305 43.04 -9.54 -9.46
N ASP B 306 43.42 -10.71 -8.93
CA ASP B 306 44.72 -11.36 -9.28
C ASP B 306 44.63 -12.12 -10.59
N ASN B 307 43.41 -12.42 -11.08
CA ASN B 307 43.22 -13.08 -12.39
C ASN B 307 41.80 -12.78 -12.85
N PRO B 308 41.58 -11.65 -13.55
CA PRO B 308 40.23 -11.18 -13.85
C PRO B 308 39.51 -11.98 -14.93
N LYS B 309 40.09 -13.10 -15.37
CA LYS B 309 39.33 -14.03 -16.21
C LYS B 309 38.61 -15.08 -15.36
N PHE B 310 38.84 -15.05 -14.04
CA PHE B 310 38.07 -15.74 -13.01
C PHE B 310 37.08 -14.75 -12.41
N LEU B 311 35.81 -15.06 -12.52
CA LEU B 311 34.74 -14.19 -12.09
C LEU B 311 33.96 -14.87 -10.96
N TYR B 312 33.40 -14.03 -10.10
CA TYR B 312 32.47 -14.41 -9.09
C TYR B 312 31.17 -13.61 -9.24
N LEU B 313 30.03 -14.34 -9.25
CA LEU B 313 28.71 -13.70 -9.24
C LEU B 313 28.06 -13.91 -7.87
N GLY B 314 27.25 -12.92 -7.45
CA GLY B 314 26.36 -13.05 -6.29
C GLY B 314 27.05 -13.30 -4.96
N MET B 315 28.30 -12.89 -4.83
CA MET B 315 29.03 -13.22 -3.59
C MET B 315 28.85 -12.14 -2.52
N GLN B 316 28.18 -11.02 -2.86
CA GLN B 316 27.79 -10.01 -1.90
C GLN B 316 26.59 -10.54 -1.08
N ASP B 317 26.46 -10.02 0.14
CA ASP B 317 25.21 -10.10 0.90
C ASP B 317 24.10 -9.44 0.08
N GLN B 318 22.84 -9.82 0.32
CA GLN B 318 21.78 -9.48 -0.63
C GLN B 318 20.63 -8.71 0.06
N TRP B 319 20.42 -7.46 -0.37
CA TRP B 319 19.12 -6.81 -0.28
C TRP B 319 18.43 -6.98 -1.64
N TYR B 320 19.05 -6.42 -2.68
CA TYR B 320 18.75 -6.76 -4.05
C TYR B 320 19.23 -8.21 -4.26
N SER B 321 18.61 -8.93 -5.19
CA SER B 321 19.00 -10.27 -5.52
C SER B 321 18.98 -10.48 -7.04
N PHE B 322 17.87 -10.99 -7.58
CA PHE B 322 17.82 -11.44 -8.96
C PHE B 322 18.26 -10.38 -9.96
N ASN B 323 17.80 -9.11 -9.81
CA ASN B 323 18.22 -8.12 -10.84
C ASN B 323 19.64 -7.56 -10.55
N MET B 324 20.16 -7.74 -9.33
CA MET B 324 21.62 -7.51 -9.10
C MET B 324 22.48 -8.55 -9.83
N PHE B 325 22.08 -9.82 -9.74
CA PHE B 325 22.75 -10.93 -10.47
C PHE B 325 22.75 -10.65 -11.99
N ASP B 326 21.60 -10.17 -12.48
CA ASP B 326 21.46 -9.80 -13.88
C ASP B 326 22.48 -8.71 -14.22
N ALA B 327 22.54 -7.66 -13.41
CA ALA B 327 23.44 -6.53 -13.71
C ALA B 327 24.89 -7.04 -13.80
N GLN B 328 25.28 -7.90 -12.85
CA GLN B 328 26.60 -8.50 -12.77
C GLN B 328 26.86 -9.36 -14.01
N ALA B 329 25.90 -10.23 -14.36
CA ALA B 329 26.10 -11.13 -15.50
C ALA B 329 26.22 -10.35 -16.81
N TRP B 330 25.42 -9.29 -16.97
CA TRP B 330 25.49 -8.50 -18.22
C TRP B 330 26.87 -7.80 -18.32
N TYR B 331 27.39 -7.29 -17.19
CA TYR B 331 28.67 -6.63 -17.16
C TYR B 331 29.77 -7.66 -17.46
N ALA B 332 29.68 -8.83 -16.81
CA ALA B 332 30.61 -9.94 -17.07
C ALA B 332 30.64 -10.28 -18.56
N ARG B 333 29.47 -10.47 -19.12
CA ARG B 333 29.32 -10.81 -20.55
C ARG B 333 30.01 -9.74 -21.41
N ASP B 334 29.80 -8.48 -21.07
CA ASP B 334 30.30 -7.40 -21.94
C ASP B 334 31.83 -7.35 -21.89
N VAL B 335 32.45 -7.63 -20.73
CA VAL B 335 33.93 -7.67 -20.77
C VAL B 335 34.37 -8.95 -21.51
N ILE B 336 33.70 -10.09 -21.31
CA ILE B 336 34.03 -11.30 -22.03
C ILE B 336 33.93 -11.07 -23.55
N LEU B 337 32.94 -10.29 -23.99
CA LEU B 337 32.76 -10.01 -25.40
C LEU B 337 33.68 -8.89 -25.90
N GLY B 338 34.45 -8.22 -25.04
CA GLY B 338 35.37 -7.21 -25.48
C GLY B 338 34.74 -5.84 -25.59
N ARG B 339 33.52 -5.67 -25.09
CA ARG B 339 32.78 -4.41 -25.23
C ARG B 339 33.23 -3.42 -24.15
N ILE B 340 33.71 -3.98 -23.04
CA ILE B 340 34.21 -3.25 -21.89
C ILE B 340 35.59 -3.81 -21.62
N SER B 341 36.55 -2.94 -21.34
CA SER B 341 37.88 -3.40 -21.04
C SER B 341 38.17 -3.04 -19.58
N LEU B 342 39.00 -3.86 -18.95
CA LEU B 342 39.33 -3.76 -17.53
C LEU B 342 40.55 -2.86 -17.43
N PRO B 343 40.71 -2.05 -16.38
CA PRO B 343 41.98 -1.40 -16.13
C PRO B 343 42.99 -2.37 -15.52
N GLY B 344 44.15 -1.84 -15.13
CA GLY B 344 45.24 -2.60 -14.53
C GLY B 344 44.93 -2.89 -13.09
N LYS B 345 45.69 -3.80 -12.51
CA LYS B 345 45.44 -4.31 -11.19
C LYS B 345 45.51 -3.16 -10.17
N ALA B 346 46.52 -2.29 -10.25
CA ALA B 346 46.68 -1.13 -9.33
C ALA B 346 45.39 -0.32 -9.22
N GLU B 347 44.80 0.01 -10.38
CA GLU B 347 43.64 0.84 -10.48
C GLU B 347 42.42 0.06 -10.00
N MET B 348 42.39 -1.24 -10.28
CA MET B 348 41.29 -2.07 -9.79
C MET B 348 41.29 -2.06 -8.25
N GLN B 349 42.48 -2.22 -7.67
CA GLN B 349 42.64 -2.28 -6.22
C GLN B 349 42.19 -0.97 -5.55
N ALA B 350 42.53 0.14 -6.18
CA ALA B 350 42.24 1.44 -5.59
C ALA B 350 40.72 1.70 -5.66
N GLU B 351 40.07 1.32 -6.76
CA GLU B 351 38.63 1.47 -6.87
C GLU B 351 37.93 0.52 -5.87
N ASN B 352 38.37 -0.75 -5.80
CA ASN B 352 37.82 -1.69 -4.79
C ASN B 352 37.93 -1.11 -3.38
N GLN B 353 39.07 -0.49 -3.06
CA GLN B 353 39.30 0.03 -1.69
C GLN B 353 38.36 1.21 -1.43
N ALA B 354 38.11 2.03 -2.45
CA ALA B 354 37.18 3.18 -2.35
C ALA B 354 35.76 2.70 -2.00
N TRP B 355 35.25 1.69 -2.69
CA TRP B 355 33.92 1.11 -2.37
C TRP B 355 33.91 0.59 -0.92
N ARG B 356 34.99 -0.10 -0.52
CA ARG B 356 35.15 -0.63 0.82
C ARG B 356 35.01 0.49 1.86
N GLU B 357 35.70 1.62 1.66
CA GLU B 357 35.63 2.74 2.64
C GLU B 357 34.20 3.27 2.76
N ARG B 358 33.49 3.44 1.62
CA ARG B 358 32.03 3.74 1.59
C ARG B 358 31.22 2.69 2.38
N GLU B 359 31.46 1.40 2.10
CA GLU B 359 30.77 0.28 2.77
C GLU B 359 30.98 0.35 4.29
N GLU B 360 32.19 0.70 4.73
CA GLU B 360 32.55 0.72 6.16
C GLU B 360 31.77 1.80 6.93
N LYS B 361 31.32 2.86 6.24
CA LYS B 361 30.60 4.01 6.83
C LYS B 361 29.08 3.74 6.97
N LEU B 362 28.58 2.66 6.35
CA LEU B 362 27.12 2.31 6.37
C LEU B 362 26.68 1.99 7.79
N GLN B 363 25.60 2.63 8.27
CA GLN B 363 25.07 2.47 9.62
C GLN B 363 23.70 1.80 9.57
N THR B 364 22.78 2.33 8.76
CA THR B 364 21.38 1.96 8.80
C THR B 364 21.05 1.04 7.63
N ALA B 365 19.90 0.36 7.73
CA ALA B 365 19.39 -0.54 6.69
C ALA B 365 19.22 0.22 5.37
N GLN B 366 18.61 1.40 5.45
CA GLN B 366 18.38 2.22 4.25
C GLN B 366 19.73 2.55 3.58
N GLU B 367 20.75 2.88 4.39
CA GLU B 367 22.05 3.22 3.80
C GLU B 367 22.61 1.98 3.06
N MET B 368 22.41 0.83 3.69
CA MET B 368 22.89 -0.43 3.17
C MET B 368 22.22 -0.79 1.85
N PHE B 369 20.89 -0.82 1.77
CA PHE B 369 20.31 -1.20 0.48
C PHE B 369 20.50 -0.07 -0.56
N GLU B 370 20.66 1.19 -0.12
CA GLU B 370 20.91 2.29 -1.08
C GLU B 370 22.33 2.18 -1.65
N PHE B 371 23.28 1.77 -0.82
CA PHE B 371 24.64 1.44 -1.28
C PHE B 371 24.58 0.38 -2.39
N GLN B 372 23.85 -0.72 -2.13
CA GLN B 372 23.80 -1.80 -3.13
C GLN B 372 23.07 -1.32 -4.40
N GLY B 373 22.03 -0.48 -4.27
CA GLY B 373 21.37 0.13 -5.41
C GLY B 373 22.32 0.99 -6.25
N SER B 374 23.21 1.73 -5.58
CA SER B 374 24.20 2.60 -6.24
C SER B 374 25.18 1.74 -7.06
N TYR B 375 25.55 0.61 -6.47
CA TYR B 375 26.38 -0.42 -7.09
C TYR B 375 25.71 -0.92 -8.37
N ILE B 376 24.45 -1.38 -8.27
CA ILE B 376 23.69 -1.90 -9.42
C ILE B 376 23.54 -0.82 -10.49
N GLN B 377 23.31 0.43 -10.07
CA GLN B 377 23.08 1.54 -11.01
C GLN B 377 24.29 1.66 -11.92
N HIS B 378 25.46 1.61 -11.29
CA HIS B 378 26.75 1.70 -11.96
C HIS B 378 26.91 0.55 -12.98
N LEU B 379 26.62 -0.69 -12.55
CA LEU B 379 26.68 -1.85 -13.48
C LEU B 379 25.72 -1.68 -14.66
N ILE B 380 24.45 -1.41 -14.37
CA ILE B 380 23.41 -1.40 -15.45
C ILE B 380 23.61 -0.21 -16.41
N ASP B 381 24.26 0.85 -15.97
CA ASP B 381 24.49 2.01 -16.88
C ASP B 381 25.57 1.66 -17.92
N ALA B 382 26.43 0.69 -17.63
CA ALA B 382 27.52 0.31 -18.54
C ALA B 382 27.07 -0.70 -19.59
N THR B 383 25.86 -1.24 -19.51
CA THR B 383 25.45 -2.26 -20.50
C THR B 383 24.01 -2.03 -20.98
N ASP B 384 23.55 -2.93 -21.84
CA ASP B 384 22.19 -2.87 -22.43
C ASP B 384 21.14 -3.55 -21.55
N TYR B 385 21.47 -3.89 -20.31
CA TYR B 385 20.42 -4.40 -19.38
C TYR B 385 19.48 -3.24 -19.16
N PRO B 386 18.16 -3.46 -19.27
CA PRO B 386 17.20 -2.38 -19.14
C PRO B 386 17.45 -1.55 -17.89
N SER B 387 17.63 -0.25 -18.07
CA SER B 387 17.78 0.58 -16.85
C SER B 387 16.42 0.59 -16.18
N PHE B 388 16.41 0.32 -14.88
CA PHE B 388 15.17 0.32 -14.09
C PHE B 388 15.30 1.33 -12.96
N ASP B 389 14.19 1.62 -12.32
CA ASP B 389 14.08 2.71 -11.32
C ASP B 389 14.62 2.28 -9.96
N ILE B 390 15.90 2.49 -9.74
CA ILE B 390 16.57 2.09 -8.49
C ILE B 390 15.97 2.84 -7.29
N GLN B 391 15.72 4.14 -7.41
CA GLN B 391 15.15 4.89 -6.28
C GLN B 391 13.77 4.32 -5.90
N ALA B 392 12.99 3.92 -6.90
CA ALA B 392 11.62 3.42 -6.65
C ALA B 392 11.73 2.02 -6.01
N VAL B 393 12.76 1.28 -6.39
CA VAL B 393 13.02 0.00 -5.70
C VAL B 393 13.44 0.28 -4.25
N ASN B 394 14.31 1.26 -4.05
CA ASN B 394 14.74 1.61 -2.70
C ASN B 394 13.53 2.00 -1.84
N GLU B 395 12.52 2.70 -2.41
CA GLU B 395 11.38 3.12 -1.60
C GLU B 395 10.51 1.91 -1.26
N THR B 396 10.58 0.88 -2.13
CA THR B 396 9.84 -0.31 -1.92
C THR B 396 10.49 -1.10 -0.77
N PHE B 397 11.83 -1.08 -0.71
CA PHE B 397 12.53 -1.72 0.42
C PHE B 397 12.16 -1.03 1.73
N LEU B 398 12.03 0.30 1.71
CA LEU B 398 11.62 1.02 2.89
C LEU B 398 10.19 0.60 3.31
N ALA B 399 9.28 0.47 2.36
CA ALA B 399 7.91 0.08 2.66
C ALA B 399 7.88 -1.32 3.31
N TRP B 400 8.65 -2.25 2.73
CA TRP B 400 8.87 -3.58 3.31
C TRP B 400 9.33 -3.46 4.78
N LYS B 401 10.39 -2.68 5.05
CA LYS B 401 10.91 -2.55 6.44
C LYS B 401 9.79 -2.05 7.38
N HIS B 402 9.02 -1.05 6.92
CA HIS B 402 7.85 -0.54 7.66
C HIS B 402 6.86 -1.67 7.93
N ASP B 403 6.50 -2.44 6.90
CA ASP B 403 5.47 -3.49 7.03
C ASP B 403 5.93 -4.57 8.02
N LYS B 404 7.21 -4.96 7.97
CA LYS B 404 7.73 -5.94 8.92
C LYS B 404 7.63 -5.43 10.35
N TYR B 405 7.97 -4.15 10.57
CA TYR B 405 7.95 -3.60 11.92
C TYR B 405 6.51 -3.40 12.43
N GLU B 406 5.58 -3.09 11.52
CA GLU B 406 4.14 -2.96 11.84
C GLU B 406 3.61 -4.29 12.38
N ASP B 407 3.95 -5.41 11.72
CA ASP B 407 3.47 -6.72 12.10
C ASP B 407 4.34 -7.80 11.43
N ILE B 408 5.20 -8.41 12.23
CA ILE B 408 6.19 -9.36 11.71
C ILE B 408 5.52 -10.62 11.14
N MET B 409 4.28 -10.93 11.55
CA MET B 409 3.54 -12.08 11.02
C MET B 409 2.59 -11.68 9.89
N GLY B 410 2.47 -10.38 9.64
CA GLY B 410 1.52 -9.82 8.71
C GLY B 410 2.12 -9.20 7.46
N TYR B 411 3.43 -8.92 7.44
CA TYR B 411 4.02 -8.13 6.34
C TYR B 411 3.82 -8.80 4.98
N ARG B 412 3.75 -10.15 4.98
CA ARG B 412 3.67 -10.91 3.71
C ARG B 412 2.28 -10.71 3.08
N ASN B 413 1.33 -10.10 3.80
CA ASN B 413 -0.02 -9.86 3.27
C ASN B 413 -0.08 -8.55 2.45
N LYS B 414 0.94 -7.71 2.57
CA LYS B 414 0.95 -6.41 1.91
C LYS B 414 1.36 -6.54 0.43
N CYS B 415 1.00 -5.53 -0.36
CA CYS B 415 1.20 -5.54 -1.79
C CYS B 415 1.99 -4.32 -2.27
N TYR B 416 2.91 -4.52 -3.23
CA TYR B 416 3.70 -3.44 -3.77
C TYR B 416 3.52 -3.39 -5.29
N ARG B 417 3.95 -2.27 -5.84
CA ARG B 417 3.84 -2.01 -7.29
C ARG B 417 5.14 -2.43 -8.01
N SER B 418 4.98 -3.06 -9.16
CA SER B 418 6.14 -3.44 -9.99
C SER B 418 6.80 -2.17 -10.46
N LEU B 419 8.12 -2.10 -10.39
CA LEU B 419 8.88 -0.93 -10.87
C LEU B 419 9.20 -1.11 -12.36
N MET B 420 8.89 -2.28 -12.92
CA MET B 420 9.13 -2.62 -14.34
C MET B 420 7.89 -2.26 -15.16
N THR B 421 6.70 -2.60 -14.67
CA THR B 421 5.46 -2.43 -15.45
C THR B 421 4.44 -1.50 -14.78
N GLY B 422 4.61 -1.21 -13.50
CA GLY B 422 3.65 -0.37 -12.78
C GLY B 422 2.43 -1.14 -12.29
N THR B 423 2.37 -2.44 -12.50
CA THR B 423 1.19 -3.13 -12.00
C THR B 423 1.30 -3.43 -10.50
N LEU B 424 0.22 -3.10 -9.81
CA LEU B 424 0.11 -3.31 -8.36
C LEU B 424 -0.23 -4.78 -8.11
N ALA B 425 0.54 -5.41 -7.25
CA ALA B 425 0.28 -6.78 -6.81
C ALA B 425 -1.08 -6.76 -6.09
N THR B 426 -1.79 -7.87 -6.17
CA THR B 426 -3.12 -7.93 -5.55
C THR B 426 -3.10 -8.86 -4.35
N PRO B 427 -3.95 -8.61 -3.32
CA PRO B 427 -3.92 -9.39 -2.08
C PRO B 427 -4.11 -10.86 -2.38
N HIS B 428 -3.37 -11.68 -1.64
CA HIS B 428 -3.45 -13.11 -1.74
C HIS B 428 -4.78 -13.57 -1.13
N HIS B 429 -5.30 -14.71 -1.58
CA HIS B 429 -6.63 -15.14 -1.15
C HIS B 429 -6.65 -15.52 0.34
N THR B 430 -5.49 -15.77 0.97
CA THR B 430 -5.43 -16.24 2.37
C THR B 430 -4.31 -15.53 3.14
N PRO B 431 -4.55 -15.04 4.37
CA PRO B 431 -3.48 -14.44 5.16
C PRO B 431 -2.33 -15.43 5.39
N TRP B 432 -1.10 -14.93 5.43
CA TRP B 432 0.06 -15.78 5.50
C TRP B 432 -0.10 -16.77 6.66
N LEU B 433 -0.52 -16.30 7.82
CA LEU B 433 -0.57 -17.15 9.03
C LEU B 433 -1.41 -18.40 8.77
N ASP B 434 -2.42 -18.32 7.88
CA ASP B 434 -3.39 -19.42 7.71
C ASP B 434 -3.17 -20.13 6.38
N ALA B 435 -2.27 -19.64 5.53
CA ALA B 435 -1.94 -20.24 4.24
C ALA B 435 -0.98 -21.41 4.45
N LEU B 436 -1.55 -22.56 4.82
CA LEU B 436 -0.79 -23.69 5.32
C LEU B 436 -0.13 -24.44 4.15
N ASP B 437 -0.84 -24.47 3.03
CA ASP B 437 -0.39 -25.11 1.83
C ASP B 437 0.56 -24.16 1.07
N ASP B 438 1.75 -24.68 0.73
CA ASP B 438 2.87 -23.92 0.10
C ASP B 438 2.93 -24.17 -1.41
N SER B 439 2.04 -25.00 -1.93
CA SER B 439 2.07 -25.39 -3.37
C SER B 439 1.72 -24.21 -4.27
N LEU B 440 2.33 -24.20 -5.46
CA LEU B 440 2.04 -23.28 -6.58
C LEU B 440 0.55 -23.34 -6.98
N GLU B 441 0.01 -24.56 -7.09
CA GLU B 441 -1.40 -24.78 -7.43
C GLU B 441 -2.26 -24.01 -6.41
N ALA B 442 -2.01 -24.25 -5.10
CA ALA B 442 -2.81 -23.68 -4.02
C ALA B 442 -2.71 -22.15 -4.03
N TYR B 443 -1.50 -21.64 -4.31
CA TYR B 443 -1.28 -20.17 -4.33
C TYR B 443 -1.97 -19.52 -5.54
N LEU B 444 -1.89 -20.18 -6.70
CA LEU B 444 -2.47 -19.58 -7.87
C LEU B 444 -3.90 -20.06 -8.03
PA FAD C . -16.69 19.72 3.11
O1A FAD C . -17.83 20.58 2.75
O2A FAD C . -16.76 18.92 4.41
O5B FAD C . -15.35 20.62 3.25
C5B FAD C . -14.97 21.56 2.23
C4B FAD C . -13.88 22.46 2.81
O4B FAD C . -13.34 23.43 1.86
C3B FAD C . -14.38 23.26 4.05
O3B FAD C . -13.52 23.10 5.15
C2B FAD C . -14.40 24.71 3.55
O2B FAD C . -14.26 25.69 4.54
C1B FAD C . -13.28 24.71 2.53
N9A FAD C . -13.40 25.69 1.46
C8A FAD C . -14.43 25.90 0.59
N7A FAD C . -14.07 26.89 -0.28
C5A FAD C . -12.84 27.32 0.05
C6A FAD C . -11.92 28.33 -0.46
N6A FAD C . -12.29 29.08 -1.51
N1A FAD C . -10.73 28.47 0.14
C2A FAD C . -10.37 27.71 1.19
N3A FAD C . -11.17 26.74 1.72
C4A FAD C . -12.41 26.55 1.21
N1 FAD C . -22.07 12.64 5.17
C2 FAD C . -22.13 11.45 5.88
O2 FAD C . -21.42 10.47 5.55
N3 FAD C . -22.89 11.37 6.98
C4 FAD C . -23.67 12.38 7.43
O4 FAD C . -24.40 12.25 8.42
C4X FAD C . -23.68 13.69 6.75
N5 FAD C . -24.45 14.75 7.10
C5X FAD C . -24.35 15.91 6.38
C6 FAD C . -25.08 17.01 6.69
C7 FAD C . -25.09 18.16 5.92
C7M FAD C . -25.89 19.40 6.33
C8 FAD C . -24.26 18.21 4.72
C8M FAD C . -24.23 19.47 3.86
C9 FAD C . -23.50 17.12 4.37
C9A FAD C . -23.51 15.96 5.14
N10 FAD C . -22.75 14.89 4.78
C10 FAD C . -22.80 13.72 5.53
C1' FAD C . -21.94 14.81 3.55
C2' FAD C . -20.68 15.59 3.53
O2' FAD C . -20.65 16.16 2.22
C3' FAD C . -19.44 14.72 3.72
O3' FAD C . -19.57 14.09 4.98
C4' FAD C . -18.13 15.46 3.80
O4' FAD C . -18.26 16.57 4.76
C5' FAD C . -17.65 16.05 2.47
O5' FAD C . -16.27 16.41 2.66
P FAD C . -15.54 17.44 1.67
O1P FAD C . -14.21 17.64 2.30
O2P FAD C . -15.76 17.02 0.24
O3P FAD C . -16.41 18.80 1.81
PA NAP D . -30.21 16.97 -2.40
O1A NAP D . -30.04 15.60 -1.95
O2A NAP D . -29.42 17.52 -3.57
O5B NAP D . -31.76 17.21 -2.71
C5B NAP D . -32.29 18.42 -3.18
C4B NAP D . -33.79 18.45 -3.01
O4B NAP D . -34.28 19.71 -3.54
C3B NAP D . -34.54 17.38 -3.81
O3B NAP D . -35.64 16.91 -3.02
C2B NAP D . -35.01 18.12 -5.04
O2B NAP D . -36.16 17.61 -5.68
C1B NAP D . -35.38 19.43 -4.39
N9A NAP D . -35.47 20.60 -5.26
C8A NAP D . -34.47 21.12 -6.07
N7A NAP D . -34.88 22.24 -6.69
C5A NAP D . -36.15 22.46 -6.25
C6A NAP D . -37.20 23.44 -6.55
N6A NAP D . -36.96 24.43 -7.38
N1A NAP D . -38.35 23.31 -5.97
C2A NAP D . -38.64 22.29 -5.12
N3A NAP D . -37.75 21.32 -4.80
C4A NAP D . -36.54 21.38 -5.37
O3 NAP D . -29.83 18.02 -1.20
PN NAP D . -30.08 17.88 0.41
O1N NAP D . -31.31 17.09 0.69
O2N NAP D . -29.82 19.28 0.94
O5D NAP D . -28.88 16.89 0.80
C5D NAP D . -27.54 17.37 0.62
C4D NAP D . -26.54 16.65 1.52
O4D NAP D . -26.71 17.04 2.93
C3D NAP D . -26.59 15.11 1.48
O3D NAP D . -25.24 14.61 1.51
C2D NAP D . -27.35 14.85 2.77
O2D NAP D . -27.26 13.54 3.30
C1D NAP D . -26.76 15.87 3.72
N1N NAP D . -27.56 16.14 4.93
C2N NAP D . -27.43 15.31 5.98
C3N NAP D . -28.18 15.51 7.13
C7N NAP D . -28.03 14.63 8.31
O7N NAP D . -29.03 14.44 9.01
N7N NAP D . -26.84 14.09 8.63
C4N NAP D . -29.08 16.57 7.11
C5N NAP D . -29.20 17.42 6.03
C6N NAP D . -28.42 17.17 4.92
P2B NAP D . -35.94 16.60 -6.95
O1X NAP D . -35.07 15.53 -6.41
O2X NAP D . -37.36 16.24 -7.23
O3X NAP D . -35.21 17.43 -7.95
MG MG E . -31.10 16.81 -7.39
PA FAD F . 22.30 -20.46 -5.53
O1A FAD F . 22.71 -20.94 -4.19
O2A FAD F . 20.87 -20.30 -5.94
O5B FAD F . 22.76 -21.47 -6.65
C5B FAD F . 24.14 -21.93 -6.71
C4B FAD F . 24.20 -23.19 -7.57
O4B FAD F . 25.58 -23.67 -7.69
C3B FAD F . 23.32 -24.36 -7.13
O3B FAD F . 22.48 -24.84 -8.21
C2B FAD F . 24.37 -25.41 -6.76
O2B FAD F . 23.94 -26.75 -6.86
C1B FAD F . 25.51 -25.09 -7.70
N9A FAD F . 26.82 -25.55 -7.24
C8A FAD F . 27.44 -25.23 -6.06
N7A FAD F . 28.66 -25.79 -5.99
C5A FAD F . 28.82 -26.47 -7.15
C6A FAD F . 29.88 -27.31 -7.71
N6A FAD F . 31.01 -27.49 -6.98
N1A FAD F . 29.64 -27.89 -8.92
C2A FAD F . 28.50 -27.69 -9.61
N3A FAD F . 27.47 -26.94 -9.15
C4A FAD F . 27.61 -26.34 -7.95
N1 FAD F . 16.56 -14.08 -2.07
C2 FAD F . 15.45 -13.34 -2.31
O2 FAD F . 15.58 -12.39 -3.07
N3 FAD F . 14.22 -13.64 -1.84
C4 FAD F . 14.03 -14.68 -1.03
O4 FAD F . 12.93 -14.97 -0.52
C4X FAD F . 15.16 -15.51 -0.66
N5 FAD F . 15.00 -16.58 0.11
C5X FAD F . 16.12 -17.31 0.42
C6 FAD F . 16.01 -18.40 1.28
C7 FAD F . 17.13 -19.13 1.63
C7M FAD F . 16.99 -20.31 2.52
C8 FAD F . 18.46 -18.79 1.08
C8M FAD F . 19.70 -19.55 1.46
C9 FAD F . 18.58 -17.72 0.24
C9A FAD F . 17.46 -16.96 -0.10
N10 FAD F . 17.62 -15.87 -0.98
C10 FAD F . 16.48 -15.14 -1.27
C1' FAD F . 18.93 -15.46 -1.50
C2' FAD F . 19.51 -16.38 -2.62
O2' FAD F . 20.94 -16.39 -2.45
C3' FAD F . 19.15 -15.89 -4.04
O3' FAD F . 17.73 -15.68 -4.24
C4' FAD F . 19.69 -16.83 -5.11
O4' FAD F . 19.21 -18.19 -4.92
C5' FAD F . 21.23 -16.81 -5.19
O5' FAD F . 21.58 -17.30 -6.45
P FAD F . 23.03 -17.97 -6.84
O1P FAD F . 22.81 -18.49 -8.25
O2P FAD F . 24.05 -16.93 -6.51
O3P FAD F . 23.15 -19.13 -5.78
PA NAP G . 23.00 -13.81 7.69
O1A NAP G . 22.09 -12.76 7.19
O2A NAP G . 24.44 -13.97 7.25
O5B NAP G . 22.93 -13.73 9.30
C5B NAP G . 23.66 -14.54 10.23
C4B NAP G . 23.19 -14.34 11.65
O4B NAP G . 24.00 -15.15 12.54
C3B NAP G . 23.34 -12.89 12.16
O3B NAP G . 22.17 -12.57 12.94
C2B NAP G . 24.60 -12.96 13.01
O2B NAP G . 24.63 -12.05 14.11
C1B NAP G . 24.39 -14.31 13.62
N9A NAP G . 25.53 -14.95 14.19
C8A NAP G . 26.69 -15.26 13.53
N7A NAP G . 27.51 -15.93 14.35
C5A NAP G . 26.86 -16.05 15.53
C6A NAP G . 27.19 -16.62 16.84
N6A NAP G . 28.41 -17.17 16.91
N1A NAP G . 26.31 -16.57 17.84
C2A NAP G . 25.11 -15.98 17.69
N3A NAP G . 24.73 -15.39 16.50
C4A NAP G . 25.56 -15.41 15.44
O3 NAP G . 22.38 -15.28 7.52
PN NAP G . 20.88 -15.80 7.37
O1N NAP G . 20.05 -15.08 8.40
O2N NAP G . 20.95 -17.33 7.40
O5D NAP G . 20.36 -15.30 5.94
C5D NAP G . 21.00 -15.83 4.79
C4D NAP G . 20.19 -15.72 3.53
O4D NAP G . 19.09 -16.68 3.61
C3D NAP G . 19.60 -14.33 3.23
O3D NAP G . 19.57 -14.14 1.80
C2D NAP G . 18.19 -14.54 3.71
O2D NAP G . 17.25 -13.69 3.10
C1D NAP G . 17.91 -15.95 3.28
N1N NAP G . 16.75 -16.57 3.90
C2N NAP G . 15.51 -16.32 3.40
C3N NAP G . 14.40 -16.95 3.98
C7N NAP G . 13.01 -16.72 3.46
O7N NAP G . 12.04 -16.78 4.25
N7N NAP G . 12.91 -16.51 2.15
C4N NAP G . 14.59 -17.81 5.06
C5N NAP G . 15.87 -18.06 5.53
C6N NAP G . 16.94 -17.44 4.92
P2B NAP G . 25.40 -10.64 13.90
O1X NAP G . 24.63 -10.03 12.79
O2X NAP G . 25.19 -10.00 15.20
O3X NAP G . 26.80 -11.03 13.55
MG MG H . 27.13 -11.26 9.52
#